data_9RK8
#
_entry.id   9RK8
#
_cell.length_a   96.189
_cell.length_b   109.426
_cell.length_c   251.967
_cell.angle_alpha   90.000
_cell.angle_beta   90.000
_cell.angle_gamma   90.000
#
_symmetry.space_group_name_H-M   'C 2 2 21'
#
loop_
_entity.id
_entity.type
_entity.pdbx_description
1 polymer Elongin-B
2 polymer Elongin-C
3 polymer 'von Hippel-Lindau disease tumor suppressor'
4 polymer 'GTPase KRas'
5 non-polymer (2~{S},4~{R})-1-[(2~{S})-2-[[1-[4-[(3~{S})-4-[4-[5-[(4~{S})-2-azanyl-3-cyano-4-methyl-6,7-dihydro-5~{H}-1-benzothiophen-4-yl]-1,2,4-oxadiazol-3-yl]pyrimidin-2-yl]-3-methyl-1,4-diazepan-1-yl]butanoyl]cyclopropyl]carbonylamino]-3,3-dimethyl-butanoyl]-~{N}-[[4-(4-methyl-1,3-thiazol-5-yl)phenyl]methyl]-4-oxidanyl-pyrrolidine-2-carboxamide
6 non-polymer "GUANOSINE-5'-DIPHOSPHATE"
7 non-polymer 'MAGNESIUM ION'
8 water water
#
loop_
_entity_poly.entity_id
_entity_poly.type
_entity_poly.pdbx_seq_one_letter_code
_entity_poly.pdbx_strand_id
1 'polypeptide(L)'
;MDVFLMIRRHKTTIFTDAKESSTVFELKRIVEGILKRPPDEQRLYKDDQLLDDGKTLGECGFTSQTARPQAPATVGLAFR
ADDTFEALCIEPFSSPPELPDVMK
;
A,E
2 'polypeptide(L)'
;MMYVKLISSDGHEFIVKREHALTSGTIKAMLSGPGQFAENETNEVNFREIPSHVLSKVCMYFTYKVRYTNSSTEIPEFPI
APEIALELLMAANFLDC
;
B,F
3 'polypeptide(L)'
;GSMEAGRPRPVLRSVNSREPSQVIFCNRSPRVVLPVWLNFDGEPQPYPTLPPGTGRRIHSYRGHLWLFRDAGTHDGLLVN
QTELFVPSLNVDGQPIFANITLPVYTLKERCLQVVRSLVKPENYRRLDIVRSLYEDLEDHPNVQKDLERLTQERIAHQRM
GD
;
C,G
4 'polypeptide(L)'
;GMTEYKLVVVGAVGVGKSALTIQLIQNHFVDEYDPTIEDSYRKQVVIDGETCLLDILDTAGQEEYSAMRDQYMRTGEGFL
CVFAINNTKSFEDIHHYREQIKRVKDSEDVPMVLVGNKSDLPSRTVDTKQAQDLARSYGIPFIETSAKTRQGVDDAFYTL
VREIRKHKEK
;
D,H
#
# COMPACT_ATOMS: atom_id res chain seq x y z
N MET A 1 14.33 -10.04 -6.47
CA MET A 1 13.52 -9.63 -7.60
C MET A 1 13.36 -10.77 -8.60
N ASP A 2 12.12 -11.12 -8.91
CA ASP A 2 11.83 -12.12 -9.90
C ASP A 2 11.39 -11.48 -11.21
N VAL A 3 11.84 -12.04 -12.32
CA VAL A 3 11.40 -11.68 -13.65
C VAL A 3 10.75 -12.91 -14.25
N PHE A 4 9.63 -12.70 -14.91
CA PHE A 4 8.83 -13.79 -15.46
C PHE A 4 8.91 -13.69 -16.97
N LEU A 5 9.35 -14.78 -17.60
CA LEU A 5 9.70 -14.78 -19.00
C LEU A 5 9.03 -15.95 -19.69
N MET A 6 8.80 -15.78 -20.99
CA MET A 6 8.49 -16.89 -21.88
C MET A 6 9.55 -16.91 -22.96
N ILE A 7 10.41 -17.92 -22.89
CA ILE A 7 11.48 -18.12 -23.87
C ILE A 7 10.91 -18.95 -25.02
N ARG A 8 11.06 -18.45 -26.24
CA ARG A 8 10.35 -19.02 -27.36
C ARG A 8 11.30 -19.45 -28.46
N ARG A 9 10.92 -20.50 -29.18
CA ARG A 9 11.68 -20.96 -30.33
C ARG A 9 10.74 -21.70 -31.25
N HIS A 10 10.62 -21.21 -32.49
CA HIS A 10 9.66 -21.73 -33.47
C HIS A 10 8.24 -21.64 -32.94
N LYS A 11 7.60 -22.79 -32.72
CA LYS A 11 6.25 -22.84 -32.17
C LYS A 11 6.24 -23.23 -30.70
N THR A 12 7.41 -23.26 -30.08
CA THR A 12 7.56 -23.65 -28.68
C THR A 12 7.68 -22.41 -27.80
N THR A 13 7.02 -22.44 -26.64
CA THR A 13 7.04 -21.35 -25.68
C THR A 13 7.18 -21.94 -24.28
N ILE A 14 8.26 -21.60 -23.58
CA ILE A 14 8.54 -22.08 -22.24
C ILE A 14 8.31 -20.95 -21.27
N PHE A 15 7.40 -21.15 -20.32
CA PHE A 15 7.10 -20.16 -19.28
C PHE A 15 7.92 -20.49 -18.03
N THR A 16 8.76 -19.55 -17.61
CA THR A 16 9.55 -19.77 -16.41
C THR A 16 9.95 -18.42 -15.83
N ASP A 17 10.41 -18.45 -14.58
CA ASP A 17 10.85 -17.24 -13.90
C ASP A 17 12.34 -17.35 -13.60
N ALA A 18 12.91 -16.24 -13.17
CA ALA A 18 14.31 -16.21 -12.78
C ALA A 18 14.51 -15.00 -11.87
N LYS A 19 15.72 -14.90 -11.35
CA LYS A 19 16.11 -13.76 -10.53
C LYS A 19 16.68 -12.67 -11.43
N GLU A 20 16.45 -11.41 -11.07
CA GLU A 20 17.04 -10.33 -11.85
C GLU A 20 18.56 -10.43 -11.84
N SER A 21 19.13 -11.05 -10.80
CA SER A 21 20.56 -11.35 -10.74
C SER A 21 20.96 -12.57 -11.56
N SER A 22 20.01 -13.42 -11.93
CA SER A 22 20.33 -14.63 -12.68
C SER A 22 20.99 -14.27 -14.01
N THR A 23 22.07 -14.97 -14.33
CA THR A 23 22.82 -14.68 -15.53
C THR A 23 22.29 -15.50 -16.71
N VAL A 24 22.63 -15.05 -17.91
CA VAL A 24 22.10 -15.66 -19.13
C VAL A 24 22.47 -17.13 -19.19
N PHE A 25 23.63 -17.48 -18.63
CA PHE A 25 24.09 -18.86 -18.68
C PHE A 25 23.23 -19.76 -17.80
N GLU A 26 22.81 -19.26 -16.64
CA GLU A 26 21.95 -20.09 -15.79
C GLU A 26 20.60 -20.31 -16.44
N LEU A 27 20.09 -19.30 -17.15
CA LEU A 27 18.85 -19.51 -17.91
C LEU A 27 19.06 -20.52 -19.02
N LYS A 28 20.24 -20.52 -19.66
CA LYS A 28 20.53 -21.53 -20.67
C LYS A 28 20.53 -22.94 -20.07
N ARG A 29 21.04 -23.07 -18.85
CA ARG A 29 20.96 -24.35 -18.14
C ARG A 29 19.50 -24.74 -17.88
N ILE A 30 18.68 -23.75 -17.50
CA ILE A 30 17.26 -24.02 -17.28
C ILE A 30 16.62 -24.56 -18.55
N VAL A 31 16.99 -24.00 -19.70
CA VAL A 31 16.41 -24.48 -20.96
C VAL A 31 17.01 -25.82 -21.36
N GLU A 32 18.25 -26.11 -20.94
CA GLU A 32 18.80 -27.45 -21.18
C GLU A 32 17.94 -28.50 -20.49
N GLY A 33 17.61 -28.25 -19.23
CA GLY A 33 16.79 -29.22 -18.50
C GLY A 33 15.44 -29.53 -19.16
N ILE A 34 14.92 -28.61 -19.98
CA ILE A 34 13.57 -28.75 -20.54
C ILE A 34 13.60 -29.24 -22.00
N LEU A 35 14.39 -28.59 -22.85
CA LEU A 35 14.44 -28.92 -24.26
C LEU A 35 15.58 -29.85 -24.63
N LYS A 36 16.41 -30.24 -23.66
CA LYS A 36 17.43 -31.28 -23.84
C LYS A 36 18.53 -30.83 -24.79
N ARG A 37 19.01 -29.60 -24.59
CA ARG A 37 20.11 -29.08 -25.38
C ARG A 37 21.00 -28.27 -24.45
N PRO A 38 22.31 -28.51 -24.45
CA PRO A 38 23.20 -27.85 -23.48
C PRO A 38 23.37 -26.38 -23.80
N PRO A 39 23.84 -25.57 -22.85
CA PRO A 39 24.10 -24.15 -23.13
C PRO A 39 25.21 -23.94 -24.16
N ASP A 40 25.48 -24.98 -24.95
CA ASP A 40 26.44 -24.98 -26.04
C ASP A 40 25.78 -24.73 -27.40
N GLU A 41 24.74 -25.51 -27.72
CA GLU A 41 24.04 -25.45 -28.99
C GLU A 41 22.88 -24.45 -29.01
N GLN A 42 22.90 -23.44 -28.15
CA GLN A 42 21.77 -22.53 -28.07
C GLN A 42 22.27 -21.10 -27.81
N ARG A 43 21.47 -20.14 -28.25
CA ARG A 43 21.78 -18.72 -28.15
C ARG A 43 20.52 -17.94 -27.86
N LEU A 44 20.53 -17.16 -26.78
CA LEU A 44 19.38 -16.43 -26.29
C LEU A 44 19.42 -14.98 -26.77
N TYR A 45 18.24 -14.41 -26.96
CA TYR A 45 18.09 -13.09 -27.56
C TYR A 45 17.11 -12.26 -26.73
N LYS A 46 17.43 -10.98 -26.55
CA LYS A 46 16.43 -9.99 -26.15
C LYS A 46 16.15 -9.15 -27.39
N ASP A 47 14.93 -9.25 -27.91
CA ASP A 47 14.57 -8.65 -29.20
C ASP A 47 15.55 -9.23 -30.22
N ASP A 48 16.20 -8.41 -31.05
CA ASP A 48 17.19 -8.90 -32.01
C ASP A 48 18.59 -8.98 -31.43
N GLN A 49 18.74 -8.68 -30.14
CA GLN A 49 20.09 -8.62 -29.50
C GLN A 49 20.51 -9.97 -28.96
N LEU A 50 21.73 -10.38 -29.27
CA LEU A 50 22.25 -11.66 -28.81
C LEU A 50 22.80 -11.44 -27.40
N LEU A 51 22.43 -12.33 -26.48
CA LEU A 51 22.76 -12.19 -25.07
C LEU A 51 24.02 -12.98 -24.76
N ASP A 52 24.97 -12.32 -24.10
CA ASP A 52 26.22 -12.99 -23.71
C ASP A 52 25.98 -13.72 -22.40
N ASP A 53 26.17 -15.04 -22.41
CA ASP A 53 25.87 -15.87 -21.25
C ASP A 53 26.85 -15.63 -20.10
N GLY A 54 26.96 -14.38 -19.66
CA GLY A 54 27.79 -14.02 -18.54
C GLY A 54 27.20 -12.85 -17.79
N LYS A 55 26.43 -12.04 -18.51
CA LYS A 55 25.74 -10.91 -17.91
C LYS A 55 24.43 -11.36 -17.28
N THR A 56 24.02 -10.63 -16.25
CA THR A 56 22.79 -10.94 -15.53
C THR A 56 21.57 -10.52 -16.36
N LEU A 57 20.45 -11.21 -16.11
CA LEU A 57 19.20 -10.89 -16.80
C LEU A 57 18.85 -9.41 -16.64
N GLY A 58 18.94 -8.90 -15.41
CA GLY A 58 18.69 -7.49 -15.19
C GLY A 58 19.65 -6.59 -15.96
N GLU A 59 20.87 -7.08 -16.20
CA GLU A 59 21.83 -6.32 -16.99
C GLU A 59 21.46 -6.26 -18.46
N CYS A 60 20.55 -7.13 -18.91
CA CYS A 60 20.10 -7.13 -20.29
C CYS A 60 18.88 -6.25 -20.53
N GLY A 61 18.24 -5.77 -19.47
CA GLY A 61 17.02 -5.01 -19.57
C GLY A 61 15.78 -5.67 -19.02
N PHE A 62 15.92 -6.78 -18.28
CA PHE A 62 14.80 -7.52 -17.73
C PHE A 62 14.55 -7.07 -16.30
N THR A 63 13.59 -6.16 -16.12
CA THR A 63 13.23 -5.65 -14.82
C THR A 63 11.90 -6.24 -14.38
N SER A 64 11.62 -6.13 -13.08
CA SER A 64 10.32 -6.54 -12.55
C SER A 64 9.19 -5.74 -13.20
N GLN A 65 9.45 -4.47 -13.52
CA GLN A 65 8.42 -3.65 -14.16
C GLN A 65 8.11 -4.13 -15.57
N THR A 66 9.09 -4.71 -16.27
CA THR A 66 8.92 -5.12 -17.65
C THR A 66 8.76 -6.62 -17.84
N ALA A 67 8.81 -7.42 -16.76
CA ALA A 67 8.66 -8.87 -16.83
C ALA A 67 7.79 -9.35 -15.67
N ARG A 68 6.50 -9.06 -15.75
CA ARG A 68 5.50 -9.42 -14.75
C ARG A 68 4.94 -10.81 -15.03
N PRO A 69 4.34 -11.45 -14.02
CA PRO A 69 3.68 -12.74 -14.29
C PRO A 69 2.59 -12.63 -15.34
N GLN A 70 1.73 -11.62 -15.23
CA GLN A 70 0.63 -11.43 -16.18
C GLN A 70 1.09 -10.86 -17.51
N ALA A 71 2.35 -10.41 -17.62
CA ALA A 71 2.88 -9.89 -18.87
C ALA A 71 4.37 -10.20 -18.95
N PRO A 72 4.73 -11.46 -19.16
CA PRO A 72 6.14 -11.83 -19.22
C PRO A 72 6.84 -11.26 -20.45
N ALA A 73 8.10 -10.88 -20.27
CA ALA A 73 8.93 -10.42 -21.37
C ALA A 73 9.46 -11.62 -22.14
N THR A 74 9.58 -11.46 -23.46
CA THR A 74 9.96 -12.55 -24.35
C THR A 74 11.48 -12.63 -24.51
N VAL A 75 11.99 -13.86 -24.51
CA VAL A 75 13.41 -14.13 -24.74
C VAL A 75 13.50 -15.14 -25.89
N GLY A 76 14.09 -14.73 -27.00
CA GLY A 76 14.23 -15.62 -28.13
C GLY A 76 15.30 -16.67 -27.91
N LEU A 77 15.14 -17.80 -28.59
CA LEU A 77 16.06 -18.93 -28.48
C LEU A 77 16.36 -19.46 -29.87
N ALA A 78 17.64 -19.71 -30.15
CA ALA A 78 18.03 -20.33 -31.41
C ALA A 78 18.98 -21.48 -31.14
N PHE A 79 18.79 -22.58 -31.88
CA PHE A 79 19.69 -23.72 -31.76
C PHE A 79 20.76 -23.68 -32.85
N ASP A 83 26.66 -28.39 -35.74
CA ASP A 83 27.31 -27.80 -36.91
C ASP A 83 27.26 -26.27 -36.84
N THR A 84 26.08 -25.71 -37.08
CA THR A 84 25.90 -24.27 -37.04
C THR A 84 24.56 -23.94 -36.40
N PHE A 85 24.41 -22.69 -35.97
CA PHE A 85 23.14 -22.23 -35.43
C PHE A 85 22.15 -21.92 -36.55
N GLU A 86 20.95 -21.54 -36.15
CA GLU A 86 19.86 -21.21 -37.04
C GLU A 86 19.47 -19.75 -36.84
N ALA A 87 18.86 -19.18 -37.87
CA ALA A 87 18.34 -17.82 -37.74
C ALA A 87 17.27 -17.81 -36.66
N LEU A 88 17.32 -16.81 -35.78
CA LEU A 88 16.34 -16.73 -34.72
C LEU A 88 14.96 -16.64 -35.34
N CYS A 89 14.16 -17.66 -35.12
CA CYS A 89 12.83 -17.77 -35.71
C CYS A 89 11.84 -18.11 -34.62
N ILE A 90 10.91 -17.19 -34.37
CA ILE A 90 9.85 -17.36 -33.41
C ILE A 90 8.55 -17.26 -34.19
N GLU A 91 7.86 -18.38 -34.35
CA GLU A 91 6.63 -18.39 -35.12
C GLU A 91 5.54 -17.67 -34.31
N PRO A 92 4.80 -16.75 -34.90
CA PRO A 92 3.93 -15.88 -34.10
C PRO A 92 2.66 -16.59 -33.66
N PHE A 93 2.04 -16.04 -32.63
CA PHE A 93 0.76 -16.54 -32.15
C PHE A 93 -0.36 -16.15 -33.10
N SER A 94 -1.51 -16.77 -32.91
CA SER A 94 -2.68 -16.44 -33.70
C SER A 94 -3.19 -15.04 -33.36
N SER A 95 -4.09 -14.53 -34.20
CA SER A 95 -4.68 -13.21 -34.00
C SER A 95 -6.15 -13.34 -33.64
N PRO A 96 -6.63 -12.56 -32.68
CA PRO A 96 -8.06 -12.60 -32.33
C PRO A 96 -8.89 -12.00 -33.44
N PRO A 97 -10.17 -12.38 -33.55
CA PRO A 97 -11.01 -11.86 -34.63
C PRO A 97 -11.32 -10.38 -34.46
N GLU A 98 -11.98 -9.81 -35.45
CA GLU A 98 -12.49 -8.46 -35.32
C GLU A 98 -13.46 -8.39 -34.15
N LEU A 99 -13.35 -7.32 -33.37
CA LEU A 99 -14.17 -7.17 -32.18
C LEU A 99 -15.65 -7.10 -32.56
N PRO A 100 -16.50 -7.96 -31.98
CA PRO A 100 -17.93 -7.96 -32.32
C PRO A 100 -18.61 -6.60 -32.16
N ASP A 101 -19.78 -6.49 -32.78
CA ASP A 101 -20.52 -5.23 -32.81
C ASP A 101 -20.90 -4.76 -31.40
N VAL A 102 -21.31 -5.68 -30.53
CA VAL A 102 -21.87 -5.31 -29.24
C VAL A 102 -20.85 -4.74 -28.26
N MET A 103 -19.56 -4.85 -28.55
CA MET A 103 -18.55 -4.27 -27.65
C MET A 103 -18.04 -2.94 -28.18
N MET B 2 9.52 -30.46 -12.95
CA MET B 2 8.37 -31.11 -13.60
C MET B 2 7.65 -30.12 -14.50
N TYR B 3 7.39 -30.52 -15.75
CA TYR B 3 6.77 -29.63 -16.72
C TYR B 3 5.74 -30.40 -17.54
N VAL B 4 4.76 -29.66 -18.06
CA VAL B 4 3.72 -30.22 -18.92
C VAL B 4 3.67 -29.42 -20.22
N LYS B 5 3.40 -30.13 -21.31
CA LYS B 5 3.21 -29.54 -22.63
C LYS B 5 1.73 -29.35 -22.89
N LEU B 6 1.38 -28.16 -23.37
CA LEU B 6 0.01 -27.74 -23.64
C LEU B 6 0.01 -27.38 -25.13
N ILE B 7 -0.63 -28.19 -25.94
CA ILE B 7 -0.66 -27.95 -27.38
C ILE B 7 -1.94 -27.20 -27.71
N SER B 8 -1.83 -26.20 -28.56
CA SER B 8 -2.99 -25.40 -28.94
C SER B 8 -3.61 -25.95 -30.22
N SER B 9 -4.68 -25.31 -30.67
CA SER B 9 -5.35 -25.77 -31.89
C SER B 9 -4.51 -25.50 -33.12
N ASP B 10 -3.75 -24.41 -33.13
CA ASP B 10 -2.88 -24.07 -34.25
C ASP B 10 -1.47 -24.62 -34.10
N GLY B 11 -1.27 -25.59 -33.20
CA GLY B 11 -0.03 -26.32 -33.12
C GLY B 11 1.05 -25.74 -32.24
N HIS B 12 0.76 -24.71 -31.45
CA HIS B 12 1.76 -24.11 -30.58
C HIS B 12 1.94 -24.92 -29.31
N GLU B 13 3.19 -25.22 -28.97
CA GLU B 13 3.55 -25.99 -27.79
C GLU B 13 3.93 -25.04 -26.66
N PHE B 14 3.22 -25.13 -25.54
CA PHE B 14 3.47 -24.30 -24.36
C PHE B 14 3.95 -25.18 -23.22
N ILE B 15 5.17 -24.95 -22.74
CA ILE B 15 5.74 -25.76 -21.67
C ILE B 15 5.60 -24.95 -20.38
N VAL B 16 4.77 -25.44 -19.45
CA VAL B 16 4.57 -24.76 -18.18
C VAL B 16 4.82 -25.74 -17.04
N LYS B 17 5.15 -25.19 -15.87
CA LYS B 17 5.21 -26.05 -14.68
C LYS B 17 3.88 -26.73 -14.45
N ARG B 18 3.94 -28.03 -14.16
CA ARG B 18 2.72 -28.80 -13.91
C ARG B 18 1.91 -28.20 -12.78
N GLU B 19 2.58 -27.82 -11.68
CA GLU B 19 1.90 -27.18 -10.56
C GLU B 19 1.06 -25.97 -11.01
N HIS B 20 1.53 -25.21 -12.00
CA HIS B 20 0.80 -24.05 -12.47
C HIS B 20 -0.37 -24.43 -13.36
N ALA B 21 -0.18 -25.43 -14.22
CA ALA B 21 -1.27 -25.88 -15.08
C ALA B 21 -2.36 -26.60 -14.30
N LEU B 22 -2.03 -27.10 -13.11
CA LEU B 22 -3.03 -27.76 -12.27
C LEU B 22 -4.03 -26.78 -11.68
N THR B 23 -3.80 -25.47 -11.84
CA THR B 23 -4.80 -24.47 -11.49
C THR B 23 -6.12 -24.75 -12.22
N SER B 24 -6.04 -25.20 -13.46
CA SER B 24 -7.23 -25.57 -14.21
C SER B 24 -7.75 -26.91 -13.70
N GLY B 25 -8.99 -26.91 -13.20
CA GLY B 25 -9.60 -28.16 -12.77
C GLY B 25 -9.73 -29.16 -13.90
N THR B 26 -10.01 -28.67 -15.11
CA THR B 26 -10.19 -29.56 -16.25
C THR B 26 -8.85 -30.16 -16.69
N ILE B 27 -7.75 -29.42 -16.54
CA ILE B 27 -6.43 -30.00 -16.82
C ILE B 27 -6.08 -31.03 -15.75
N LYS B 28 -6.30 -30.69 -14.48
CA LYS B 28 -6.08 -31.67 -13.41
C LYS B 28 -6.91 -32.92 -13.61
N ALA B 29 -8.07 -32.80 -14.26
CA ALA B 29 -8.88 -33.96 -14.59
C ALA B 29 -8.25 -34.82 -15.68
N MET B 30 -7.57 -34.20 -16.64
CA MET B 30 -6.97 -34.93 -17.75
C MET B 30 -5.65 -35.62 -17.39
N LEU B 31 -5.38 -35.83 -16.10
CA LEU B 31 -4.18 -36.50 -15.59
C LEU B 31 -4.53 -37.53 -14.51
N ASN B 43 2.05 -36.58 -20.01
CA ASN B 43 2.45 -35.23 -19.65
C ASN B 43 2.38 -34.28 -20.84
N GLU B 44 1.43 -34.55 -21.74
CA GLU B 44 1.21 -33.72 -22.91
C GLU B 44 -0.28 -33.73 -23.20
N VAL B 45 -0.90 -32.55 -23.26
CA VAL B 45 -2.34 -32.45 -23.49
C VAL B 45 -2.59 -31.48 -24.63
N ASN B 46 -3.43 -31.90 -25.58
CA ASN B 46 -3.75 -31.12 -26.77
C ASN B 46 -5.16 -30.55 -26.66
N PHE B 47 -5.31 -29.29 -27.07
CA PHE B 47 -6.60 -28.60 -27.13
C PHE B 47 -6.87 -28.20 -28.58
N ARG B 48 -7.94 -28.74 -29.15
CA ARG B 48 -8.26 -28.49 -30.55
C ARG B 48 -9.25 -27.34 -30.75
N GLU B 49 -9.60 -26.61 -29.69
CA GLU B 49 -10.54 -25.50 -29.79
C GLU B 49 -9.97 -24.18 -29.29
N ILE B 50 -8.71 -24.17 -28.86
CA ILE B 50 -8.09 -23.00 -28.23
C ILE B 50 -6.92 -22.54 -29.08
N PRO B 51 -6.97 -21.33 -29.65
CA PRO B 51 -5.84 -20.85 -30.47
C PRO B 51 -4.65 -20.47 -29.58
N SER B 52 -3.55 -20.14 -30.24
CA SER B 52 -2.31 -19.83 -29.52
C SER B 52 -2.46 -18.56 -28.69
N HIS B 53 -3.13 -17.54 -29.25
CA HIS B 53 -3.29 -16.27 -28.55
C HIS B 53 -4.18 -16.39 -27.32
N VAL B 54 -4.92 -17.49 -27.17
CA VAL B 54 -5.73 -17.74 -25.99
C VAL B 54 -4.98 -18.60 -24.97
N LEU B 55 -4.28 -19.63 -25.45
CA LEU B 55 -3.54 -20.50 -24.55
C LEU B 55 -2.37 -19.75 -23.91
N SER B 56 -1.79 -18.78 -24.62
CA SER B 56 -0.73 -17.97 -24.03
C SER B 56 -1.26 -17.15 -22.86
N LYS B 57 -2.42 -16.51 -23.04
CA LYS B 57 -3.05 -15.77 -21.94
C LYS B 57 -3.38 -16.68 -20.77
N VAL B 58 -3.87 -17.90 -21.05
CA VAL B 58 -4.19 -18.83 -19.97
C VAL B 58 -2.93 -19.20 -19.18
N CYS B 59 -1.81 -19.43 -19.88
CA CYS B 59 -0.57 -19.76 -19.18
C CYS B 59 -0.07 -18.58 -18.35
N MET B 60 -0.18 -17.36 -18.91
CA MET B 60 0.15 -16.17 -18.15
C MET B 60 -0.71 -16.07 -16.89
N TYR B 61 -1.99 -16.44 -17.00
CA TYR B 61 -2.85 -16.42 -15.82
C TYR B 61 -2.40 -17.47 -14.80
N PHE B 62 -1.96 -18.63 -15.26
CA PHE B 62 -1.44 -19.63 -14.33
C PHE B 62 -0.29 -19.05 -13.51
N THR B 63 0.67 -18.41 -14.18
CA THR B 63 1.79 -17.83 -13.45
C THR B 63 1.32 -16.72 -12.52
N TYR B 64 0.35 -15.90 -12.96
CA TYR B 64 -0.16 -14.81 -12.13
C TYR B 64 -0.83 -15.34 -10.87
N LYS B 65 -1.68 -16.36 -11.02
CA LYS B 65 -2.36 -16.96 -9.88
C LYS B 65 -1.36 -17.56 -8.89
N VAL B 66 -0.40 -18.33 -9.40
CA VAL B 66 0.55 -18.97 -8.49
C VAL B 66 1.40 -17.94 -7.78
N ARG B 67 1.75 -16.85 -8.47
CA ARG B 67 2.60 -15.83 -7.85
C ARG B 67 1.85 -15.07 -6.77
N TYR B 68 0.59 -14.70 -7.00
CA TYR B 68 -0.09 -13.76 -6.12
C TYR B 68 -1.11 -14.41 -5.19
N THR B 69 -1.30 -15.71 -5.25
CA THR B 69 -2.20 -16.37 -4.30
C THR B 69 -1.62 -16.30 -2.88
N ASN B 70 -2.47 -15.86 -1.94
CA ASN B 70 -2.07 -15.65 -0.55
C ASN B 70 -0.88 -14.72 -0.43
N SER B 71 -0.85 -13.68 -1.27
CA SER B 71 0.11 -12.60 -1.12
C SER B 71 -0.34 -11.65 -0.02
N SER B 72 0.63 -10.97 0.59
CA SER B 72 0.35 -10.08 1.70
C SER B 72 0.11 -8.64 1.28
N THR B 73 0.62 -8.22 0.12
CA THR B 73 0.49 -6.84 -0.31
C THR B 73 -0.48 -6.74 -1.48
N GLU B 74 -0.44 -5.61 -2.19
CA GLU B 74 -1.37 -5.36 -3.29
C GLU B 74 -1.13 -6.32 -4.44
N ILE B 75 -2.18 -6.56 -5.21
CA ILE B 75 -2.16 -7.46 -6.35
C ILE B 75 -2.42 -6.63 -7.60
N PRO B 76 -1.64 -6.79 -8.66
CA PRO B 76 -1.96 -6.09 -9.91
C PRO B 76 -3.17 -6.71 -10.58
N GLU B 77 -3.86 -5.90 -11.38
CA GLU B 77 -5.01 -6.39 -12.12
C GLU B 77 -4.56 -7.33 -13.22
N PHE B 78 -5.37 -8.34 -13.51
CA PHE B 78 -5.03 -9.21 -14.62
C PHE B 78 -5.54 -8.58 -15.91
N PRO B 79 -4.66 -8.16 -16.81
CA PRO B 79 -5.10 -7.46 -18.00
C PRO B 79 -5.67 -8.40 -19.04
N ILE B 80 -6.79 -7.99 -19.62
CA ILE B 80 -7.47 -8.76 -20.67
C ILE B 80 -7.90 -7.79 -21.75
N ALA B 81 -7.35 -7.94 -22.95
CA ALA B 81 -7.72 -7.07 -24.04
C ALA B 81 -9.14 -7.39 -24.51
N PRO B 82 -9.93 -6.37 -24.87
CA PRO B 82 -11.32 -6.63 -25.28
C PRO B 82 -11.44 -7.64 -26.41
N GLU B 83 -10.51 -7.65 -27.35
CA GLU B 83 -10.58 -8.53 -28.51
C GLU B 83 -10.43 -9.99 -28.11
N ILE B 84 -9.75 -10.26 -27.00
CA ILE B 84 -9.56 -11.63 -26.53
C ILE B 84 -10.60 -12.02 -25.49
N ALA B 85 -11.35 -11.04 -24.95
CA ALA B 85 -12.27 -11.26 -23.85
C ALA B 85 -13.12 -12.51 -24.04
N LEU B 86 -13.88 -12.56 -25.14
CA LEU B 86 -14.78 -13.69 -25.38
C LEU B 86 -14.04 -15.02 -25.41
N GLU B 87 -12.99 -15.12 -26.23
CA GLU B 87 -12.28 -16.37 -26.39
C GLU B 87 -11.65 -16.82 -25.08
N LEU B 88 -11.04 -15.90 -24.35
CA LEU B 88 -10.48 -16.21 -23.04
C LEU B 88 -11.56 -16.65 -22.07
N LEU B 89 -12.74 -16.02 -22.13
CA LEU B 89 -13.86 -16.42 -21.28
C LEU B 89 -14.27 -17.87 -21.55
N MET B 90 -14.45 -18.21 -22.83
CA MET B 90 -14.82 -19.57 -23.17
C MET B 90 -13.75 -20.57 -22.76
N ALA B 91 -12.48 -20.22 -22.99
CA ALA B 91 -11.38 -21.09 -22.58
C ALA B 91 -11.36 -21.28 -21.07
N ALA B 92 -11.56 -20.20 -20.31
CA ALA B 92 -11.56 -20.27 -18.85
C ALA B 92 -12.71 -21.17 -18.37
N ASN B 93 -13.91 -20.94 -18.90
CA ASN B 93 -15.05 -21.80 -18.55
C ASN B 93 -14.75 -23.27 -18.84
N PHE B 94 -14.13 -23.56 -19.98
CA PHE B 94 -13.87 -24.96 -20.33
C PHE B 94 -12.75 -25.55 -19.47
N LEU B 95 -11.78 -24.72 -19.07
CA LEU B 95 -10.64 -25.17 -18.30
C LEU B 95 -10.91 -25.16 -16.80
N ASP B 96 -12.02 -24.55 -16.37
CA ASP B 96 -12.42 -24.48 -14.97
C ASP B 96 -11.31 -23.84 -14.13
N CYS B 97 -11.13 -22.54 -14.36
CA CYS B 97 -10.09 -21.78 -13.69
C CYS B 97 -10.46 -20.30 -13.64
N ARG C 9 -29.71 -11.83 15.29
CA ARG C 9 -29.58 -13.26 15.07
C ARG C 9 -28.53 -13.69 14.03
N PRO C 10 -28.42 -13.00 12.88
CA PRO C 10 -27.42 -13.42 11.89
C PRO C 10 -26.00 -13.40 12.45
N VAL C 11 -25.22 -14.40 12.04
CA VAL C 11 -23.86 -14.55 12.55
C VAL C 11 -22.98 -13.39 12.13
N LEU C 12 -23.17 -12.89 10.90
CA LEU C 12 -22.34 -11.81 10.37
C LEU C 12 -23.05 -10.50 10.66
N ARG C 13 -22.82 -9.96 11.85
CA ARG C 13 -23.38 -8.70 12.29
C ARG C 13 -22.33 -7.92 13.06
N SER C 14 -22.58 -6.63 13.20
CA SER C 14 -21.72 -5.78 14.01
C SER C 14 -22.23 -5.73 15.46
N VAL C 15 -21.30 -5.49 16.37
CA VAL C 15 -21.60 -5.44 17.79
C VAL C 15 -21.92 -4.00 18.17
N ASN C 16 -22.98 -3.81 18.96
CA ASN C 16 -23.34 -2.50 19.48
C ASN C 16 -22.45 -2.19 20.69
N SER C 17 -21.18 -1.89 20.40
CA SER C 17 -20.18 -1.72 21.43
C SER C 17 -20.09 -0.30 21.97
N ARG C 18 -20.42 0.70 21.16
CA ARG C 18 -20.38 2.11 21.56
C ARG C 18 -19.00 2.52 22.05
N GLU C 19 -17.95 1.92 21.50
CA GLU C 19 -16.58 2.24 21.85
C GLU C 19 -15.84 2.67 20.60
N PRO C 20 -15.39 3.93 20.51
CA PRO C 20 -14.83 4.43 19.23
C PRO C 20 -13.54 3.72 18.85
N SER C 21 -13.38 3.49 17.55
CA SER C 21 -12.16 2.94 16.97
C SER C 21 -11.82 3.71 15.71
N GLN C 22 -10.67 4.36 15.69
CA GLN C 22 -10.22 5.07 14.50
C GLN C 22 -9.55 4.09 13.54
N VAL C 23 -10.01 4.06 12.29
CA VAL C 23 -9.53 3.10 11.30
C VAL C 23 -9.08 3.90 10.08
N ILE C 24 -8.14 3.33 9.34
CA ILE C 24 -7.69 3.91 8.07
C ILE C 24 -8.12 2.96 6.96
N PHE C 25 -8.96 3.47 6.05
CA PHE C 25 -9.33 2.75 4.83
C PHE C 25 -8.31 3.13 3.76
N CYS C 26 -7.51 2.17 3.32
CA CYS C 26 -6.52 2.40 2.29
C CYS C 26 -6.93 1.62 1.05
N ASN C 27 -7.22 2.33 -0.03
CA ASN C 27 -7.63 1.72 -1.30
C ASN C 27 -6.38 1.44 -2.12
N ARG C 28 -5.82 0.23 -1.94
CA ARG C 28 -4.68 -0.23 -2.73
C ARG C 28 -5.13 -1.11 -3.88
N SER C 29 -6.25 -0.76 -4.51
CA SER C 29 -6.78 -1.43 -5.68
C SER C 29 -6.92 -0.44 -6.83
N PRO C 30 -6.97 -0.93 -8.08
CA PRO C 30 -7.29 -0.03 -9.19
C PRO C 30 -8.76 0.35 -9.26
N ARG C 31 -9.62 -0.32 -8.50
CA ARG C 31 -11.06 -0.10 -8.58
C ARG C 31 -11.49 1.02 -7.63
N VAL C 32 -12.71 1.49 -7.85
CA VAL C 32 -13.34 2.43 -6.92
C VAL C 32 -14.00 1.62 -5.82
N VAL C 33 -13.57 1.85 -4.58
CA VAL C 33 -13.92 0.98 -3.47
C VAL C 33 -15.15 1.52 -2.75
N LEU C 34 -16.14 0.65 -2.59
CA LEU C 34 -17.32 0.91 -1.78
C LEU C 34 -17.15 0.21 -0.44
N PRO C 35 -17.01 0.95 0.66
CA PRO C 35 -17.04 0.33 1.99
C PRO C 35 -18.48 -0.04 2.35
N VAL C 36 -18.64 -1.25 2.86
CA VAL C 36 -19.94 -1.79 3.24
C VAL C 36 -19.86 -2.20 4.70
N TRP C 37 -20.71 -1.61 5.52
CA TRP C 37 -20.74 -1.89 6.95
C TRP C 37 -21.91 -2.80 7.26
N LEU C 38 -21.65 -3.89 7.98
CA LEU C 38 -22.72 -4.80 8.40
C LEU C 38 -23.31 -4.26 9.68
N ASN C 39 -24.59 -3.89 9.65
CA ASN C 39 -25.21 -3.33 10.84
C ASN C 39 -25.53 -4.44 11.85
N PHE C 40 -26.14 -4.04 12.97
CA PHE C 40 -26.38 -4.97 14.06
C PHE C 40 -27.37 -6.07 13.69
N ASP C 41 -28.18 -5.89 12.66
CA ASP C 41 -29.00 -6.96 12.10
C ASP C 41 -28.34 -7.65 10.92
N GLY C 42 -27.07 -7.35 10.64
CA GLY C 42 -26.37 -8.00 9.56
C GLY C 42 -26.68 -7.46 8.17
N GLU C 43 -27.30 -6.29 8.08
CA GLU C 43 -27.61 -5.88 6.71
C GLU C 43 -26.55 -4.94 6.18
N PRO C 44 -26.11 -5.16 4.93
CA PRO C 44 -25.05 -4.31 4.37
C PRO C 44 -25.52 -2.88 4.17
N GLN C 45 -24.70 -1.94 4.59
CA GLN C 45 -24.98 -0.51 4.47
C GLN C 45 -23.82 0.12 3.73
N PRO C 46 -24.04 0.65 2.53
CA PRO C 46 -22.93 1.26 1.78
C PRO C 46 -22.51 2.59 2.40
N TYR C 47 -21.21 2.85 2.35
CA TYR C 47 -20.60 4.07 2.87
C TYR C 47 -19.91 4.81 1.73
N PRO C 48 -19.48 6.06 1.92
CA PRO C 48 -18.88 6.81 0.80
C PRO C 48 -17.69 6.08 0.17
N THR C 49 -17.53 6.28 -1.13
CA THR C 49 -16.55 5.54 -1.89
C THR C 49 -15.15 6.13 -1.75
N LEU C 50 -14.15 5.28 -1.99
CA LEU C 50 -12.74 5.65 -1.95
C LEU C 50 -12.17 5.55 -3.35
N PRO C 51 -11.65 6.63 -3.93
CA PRO C 51 -10.98 6.53 -5.22
C PRO C 51 -9.72 5.68 -5.11
N PRO C 52 -9.29 5.06 -6.20
CA PRO C 52 -8.09 4.21 -6.15
C PRO C 52 -6.87 4.99 -5.71
N GLY C 53 -6.09 4.36 -4.82
CA GLY C 53 -4.89 4.96 -4.26
C GLY C 53 -5.13 5.93 -3.14
N THR C 54 -6.36 6.05 -2.65
CA THR C 54 -6.71 7.02 -1.61
C THR C 54 -6.70 6.36 -0.24
N GLY C 55 -6.19 7.09 0.74
CA GLY C 55 -6.30 6.71 2.14
C GLY C 55 -7.19 7.69 2.88
N ARG C 56 -8.13 7.16 3.65
CA ARG C 56 -9.08 7.96 4.38
C ARG C 56 -9.18 7.50 5.83
N ARG C 57 -9.19 8.46 6.74
CA ARG C 57 -9.32 8.20 8.16
C ARG C 57 -10.79 8.19 8.53
N ILE C 58 -11.33 7.01 8.82
CA ILE C 58 -12.73 6.85 9.17
C ILE C 58 -12.85 6.55 10.66
N HIS C 59 -14.04 6.77 11.17
CA HIS C 59 -14.35 6.54 12.59
CA HIS C 59 -14.35 6.55 12.59
C HIS C 59 -15.41 5.46 12.68
N SER C 60 -15.09 4.36 13.35
CA SER C 60 -15.99 3.23 13.50
C SER C 60 -16.06 2.91 14.99
N TYR C 61 -16.54 1.72 15.32
CA TYR C 61 -16.61 1.27 16.70
C TYR C 61 -16.08 -0.16 16.79
N ARG C 62 -15.61 -0.51 17.99
CA ARG C 62 -15.06 -1.84 18.22
C ARG C 62 -16.07 -2.93 17.86
N GLY C 63 -15.58 -4.00 17.25
CA GLY C 63 -16.42 -5.11 16.90
C GLY C 63 -17.29 -4.93 15.68
N HIS C 64 -17.14 -3.82 14.95
CA HIS C 64 -17.96 -3.57 13.78
C HIS C 64 -17.42 -4.32 12.57
N LEU C 65 -18.34 -4.86 11.76
CA LEU C 65 -17.99 -5.67 10.60
C LEU C 65 -17.97 -4.81 9.35
N TRP C 66 -16.89 -4.93 8.58
CA TRP C 66 -16.71 -4.20 7.34
C TRP C 66 -16.31 -5.16 6.23
N LEU C 67 -16.78 -4.85 5.02
CA LEU C 67 -16.35 -5.53 3.82
C LEU C 67 -16.26 -4.49 2.71
N PHE C 68 -15.52 -4.80 1.66
CA PHE C 68 -15.24 -3.81 0.64
C PHE C 68 -15.49 -4.40 -0.74
N ARG C 69 -16.11 -3.60 -1.62
CA ARG C 69 -16.52 -4.10 -2.92
C ARG C 69 -16.15 -3.07 -3.98
N ASP C 70 -16.23 -3.48 -5.24
CA ASP C 70 -16.10 -2.53 -6.33
C ASP C 70 -17.37 -1.70 -6.41
N ALA C 71 -17.23 -0.37 -6.35
CA ALA C 71 -18.42 0.49 -6.29
C ALA C 71 -19.32 0.29 -7.50
N GLY C 72 -18.73 0.09 -8.68
CA GLY C 72 -19.48 0.00 -9.90
C GLY C 72 -20.04 -1.37 -10.22
N THR C 73 -19.27 -2.42 -9.89
CA THR C 73 -19.63 -3.78 -10.26
C THR C 73 -19.93 -4.69 -9.07
N HIS C 74 -19.69 -4.22 -7.85
CA HIS C 74 -19.85 -5.00 -6.62
C HIS C 74 -18.94 -6.23 -6.61
N ASP C 75 -17.89 -6.23 -7.43
CA ASP C 75 -16.87 -7.27 -7.39
C ASP C 75 -16.26 -7.36 -6.00
N GLY C 76 -15.85 -8.57 -5.63
CA GLY C 76 -15.28 -8.79 -4.31
C GLY C 76 -13.88 -8.23 -4.20
N LEU C 77 -13.57 -7.72 -3.01
CA LEU C 77 -12.25 -7.18 -2.69
C LEU C 77 -11.78 -7.75 -1.36
N LEU C 78 -10.49 -7.59 -1.10
CA LEU C 78 -9.86 -8.09 0.11
C LEU C 78 -9.45 -6.92 1.00
N VAL C 79 -9.42 -7.16 2.31
CA VAL C 79 -8.97 -6.16 3.28
C VAL C 79 -8.05 -6.87 4.28
N ASN C 80 -6.80 -6.41 4.37
CA ASN C 80 -5.77 -7.08 5.16
C ASN C 80 -5.69 -8.56 4.81
N GLN C 81 -5.67 -8.84 3.50
CA GLN C 81 -5.55 -10.18 2.96
C GLN C 81 -6.66 -11.11 3.44
N THR C 82 -7.82 -10.57 3.77
CA THR C 82 -8.98 -11.40 4.12
C THR C 82 -10.24 -10.71 3.64
N GLU C 83 -11.38 -11.38 3.84
CA GLU C 83 -12.64 -10.93 3.26
C GLU C 83 -13.31 -9.88 4.14
N LEU C 84 -13.39 -10.12 5.45
CA LEU C 84 -14.05 -9.22 6.38
C LEU C 84 -13.02 -8.48 7.22
N PHE C 85 -13.44 -7.35 7.78
CA PHE C 85 -12.56 -6.51 8.59
C PHE C 85 -13.27 -6.11 9.86
N VAL C 86 -12.59 -6.26 11.00
CA VAL C 86 -13.10 -5.83 12.29
C VAL C 86 -12.01 -5.02 12.98
N PRO C 87 -12.25 -3.77 13.35
CA PRO C 87 -11.24 -3.00 14.06
C PRO C 87 -10.90 -3.64 15.40
N SER C 88 -9.63 -3.57 15.77
CA SER C 88 -9.16 -4.06 17.05
C SER C 88 -9.29 -2.93 18.09
N LEU C 89 -8.60 -3.04 19.21
CA LEU C 89 -8.53 -1.93 20.16
C LEU C 89 -7.33 -1.06 19.83
N ASN C 90 -7.56 0.25 19.77
CA ASN C 90 -6.47 1.18 19.38
C ASN C 90 -5.47 1.33 20.54
N VAL C 91 -4.26 0.80 20.38
CA VAL C 91 -3.20 0.92 21.39
C VAL C 91 -2.68 2.35 21.37
N ASP C 92 -2.78 3.03 22.52
CA ASP C 92 -2.22 4.37 22.72
C ASP C 92 -2.72 5.37 21.67
N GLY C 93 -3.94 5.17 21.16
CA GLY C 93 -4.53 6.13 20.26
C GLY C 93 -4.08 6.08 18.81
N GLN C 94 -3.37 5.04 18.40
CA GLN C 94 -2.97 4.94 17.00
C GLN C 94 -4.09 4.31 16.17
N PRO C 95 -4.19 4.66 14.89
CA PRO C 95 -5.29 4.14 14.07
C PRO C 95 -4.99 2.75 13.53
N ILE C 96 -6.04 1.94 13.44
CA ILE C 96 -5.95 0.64 12.79
C ILE C 96 -5.96 0.82 11.28
N PHE C 97 -5.21 -0.01 10.57
CA PHE C 97 -5.05 0.12 9.13
C PHE C 97 -5.84 -0.98 8.42
N ALA C 98 -6.63 -0.58 7.44
CA ALA C 98 -7.44 -1.50 6.63
C ALA C 98 -6.93 -1.41 5.20
N ASN C 99 -6.12 -2.38 4.79
CA ASN C 99 -5.49 -2.37 3.48
C ASN C 99 -6.42 -3.11 2.51
N ILE C 100 -7.05 -2.37 1.60
CA ILE C 100 -8.01 -2.91 0.66
C ILE C 100 -7.29 -3.19 -0.65
N THR C 101 -7.37 -4.44 -1.12
CA THR C 101 -6.61 -4.87 -2.28
C THR C 101 -7.48 -5.74 -3.17
N LEU C 102 -6.97 -6.04 -4.36
CA LEU C 102 -7.60 -7.01 -5.23
C LEU C 102 -7.33 -8.43 -4.73
N PRO C 103 -8.25 -9.36 -4.97
CA PRO C 103 -7.93 -10.77 -4.79
C PRO C 103 -7.49 -11.39 -6.11
N VAL C 104 -7.01 -12.62 -6.05
CA VAL C 104 -6.70 -13.35 -7.27
C VAL C 104 -7.99 -13.97 -7.77
N TYR C 105 -8.71 -13.22 -8.60
CA TYR C 105 -9.95 -13.73 -9.18
C TYR C 105 -9.66 -14.97 -10.02
N THR C 106 -10.67 -15.83 -10.14
CA THR C 106 -10.57 -16.90 -11.12
C THR C 106 -10.57 -16.31 -12.52
N LEU C 107 -9.85 -16.96 -13.44
CA LEU C 107 -9.79 -16.48 -14.80
C LEU C 107 -11.18 -16.32 -15.40
N LYS C 108 -12.08 -17.27 -15.08
CA LYS C 108 -13.46 -17.16 -15.56
C LYS C 108 -14.13 -15.90 -15.01
N GLU C 109 -13.99 -15.64 -13.71
CA GLU C 109 -14.62 -14.46 -13.12
C GLU C 109 -14.00 -13.18 -13.66
N ARG C 110 -12.70 -13.16 -13.89
CA ARG C 110 -12.05 -11.97 -14.45
C ARG C 110 -12.55 -11.70 -15.87
N CYS C 111 -12.62 -12.74 -16.69
CA CYS C 111 -13.14 -12.57 -18.04
C CYS C 111 -14.60 -12.14 -18.03
N LEU C 112 -15.40 -12.73 -17.14
CA LEU C 112 -16.79 -12.30 -16.99
C LEU C 112 -16.87 -10.83 -16.59
N GLN C 113 -15.95 -10.39 -15.73
CA GLN C 113 -15.89 -8.97 -15.37
C GLN C 113 -15.68 -8.11 -16.60
N VAL C 114 -14.65 -8.42 -17.40
CA VAL C 114 -14.35 -7.54 -18.53
C VAL C 114 -15.46 -7.59 -19.58
N VAL C 115 -16.05 -8.77 -19.80
CA VAL C 115 -17.15 -8.87 -20.77
C VAL C 115 -18.37 -8.09 -20.28
N ARG C 116 -18.60 -8.08 -18.96
CA ARG C 116 -19.70 -7.28 -18.41
C ARG C 116 -19.46 -5.79 -18.63
N SER C 117 -18.20 -5.36 -18.66
CA SER C 117 -17.89 -3.96 -18.87
C SER C 117 -18.01 -3.54 -20.32
N LEU C 118 -17.94 -4.49 -21.26
CA LEU C 118 -18.02 -4.19 -22.68
C LEU C 118 -19.45 -4.34 -23.21
N VAL C 119 -20.05 -5.50 -23.01
CA VAL C 119 -21.41 -5.71 -23.48
C VAL C 119 -22.40 -5.13 -22.47
N LYS C 120 -23.59 -4.82 -22.96
CA LYS C 120 -24.70 -4.42 -22.13
C LYS C 120 -25.57 -5.64 -21.85
N PRO C 121 -26.27 -5.68 -20.70
CA PRO C 121 -27.09 -6.86 -20.41
C PRO C 121 -28.07 -7.19 -21.53
N GLU C 122 -28.64 -6.17 -22.17
CA GLU C 122 -29.60 -6.37 -23.25
C GLU C 122 -29.02 -7.24 -24.37
N ASN C 123 -27.70 -7.20 -24.57
CA ASN C 123 -27.05 -7.92 -25.64
C ASN C 123 -26.27 -9.13 -25.15
N TYR C 124 -26.35 -9.47 -23.85
CA TYR C 124 -25.49 -10.52 -23.30
C TYR C 124 -25.65 -11.84 -24.06
N ARG C 125 -26.89 -12.25 -24.30
CA ARG C 125 -27.13 -13.54 -24.91
C ARG C 125 -26.97 -13.52 -26.43
N ARG C 126 -26.72 -12.37 -27.03
CA ARG C 126 -26.44 -12.29 -28.46
C ARG C 126 -24.96 -12.48 -28.78
N LEU C 127 -24.22 -13.14 -27.90
CA LEU C 127 -22.81 -13.40 -28.06
C LEU C 127 -22.61 -14.87 -28.41
N ASP C 128 -21.67 -15.17 -29.31
CA ASP C 128 -21.45 -16.55 -29.75
C ASP C 128 -20.57 -17.27 -28.74
N ILE C 129 -21.20 -17.61 -27.61
CA ILE C 129 -20.56 -18.36 -26.53
C ILE C 129 -21.56 -19.41 -26.07
N VAL C 130 -21.05 -20.41 -25.34
CA VAL C 130 -21.92 -21.45 -24.82
C VAL C 130 -23.00 -20.83 -23.95
N ARG C 131 -24.21 -21.40 -24.03
CA ARG C 131 -25.35 -20.83 -23.30
C ARG C 131 -25.09 -20.77 -21.80
N SER C 132 -24.27 -21.69 -21.27
CA SER C 132 -23.93 -21.67 -19.86
C SER C 132 -23.34 -20.33 -19.43
N LEU C 133 -22.62 -19.66 -20.33
CA LEU C 133 -22.00 -18.38 -20.00
C LEU C 133 -23.00 -17.22 -20.00
N TYR C 134 -24.18 -17.38 -20.60
CA TYR C 134 -25.14 -16.29 -20.61
C TYR C 134 -25.65 -16.00 -19.20
N GLU C 135 -26.08 -17.05 -18.48
CA GLU C 135 -26.56 -16.85 -17.11
C GLU C 135 -25.44 -16.38 -16.22
N ASP C 136 -24.25 -16.98 -16.35
CA ASP C 136 -23.08 -16.49 -15.64
C ASP C 136 -22.83 -15.02 -15.96
N LEU C 137 -23.18 -14.57 -17.17
CA LEU C 137 -23.04 -13.15 -17.48
C LEU C 137 -24.03 -12.31 -16.69
N GLU C 138 -25.29 -12.76 -16.59
CA GLU C 138 -26.31 -12.01 -15.87
C GLU C 138 -26.20 -12.17 -14.35
N ASP C 139 -25.36 -13.09 -13.88
CA ASP C 139 -25.24 -13.35 -12.45
C ASP C 139 -24.17 -12.42 -11.86
N HIS C 140 -24.53 -11.15 -11.76
CA HIS C 140 -23.61 -10.13 -11.27
C HIS C 140 -23.25 -10.37 -9.80
N PRO C 141 -22.12 -9.83 -9.36
CA PRO C 141 -21.71 -10.01 -7.96
C PRO C 141 -22.79 -9.49 -7.01
N ASN C 142 -22.97 -10.22 -5.90
CA ASN C 142 -24.03 -9.95 -4.95
C ASN C 142 -23.44 -9.96 -3.55
N VAL C 143 -23.65 -8.87 -2.81
CA VAL C 143 -23.13 -8.81 -1.44
C VAL C 143 -23.87 -9.81 -0.55
N GLN C 144 -25.18 -9.92 -0.71
CA GLN C 144 -25.96 -10.85 0.10
C GLN C 144 -25.56 -12.30 -0.16
N LYS C 145 -25.35 -12.67 -1.42
CA LYS C 145 -24.95 -14.05 -1.71
C LYS C 145 -23.59 -14.36 -1.11
N ASP C 146 -22.67 -13.40 -1.15
CA ASP C 146 -21.36 -13.60 -0.52
C ASP C 146 -21.49 -13.66 1.00
N LEU C 147 -22.45 -12.93 1.57
CA LEU C 147 -22.68 -13.03 3.01
C LEU C 147 -23.20 -14.41 3.38
N GLU C 148 -24.11 -14.96 2.57
CA GLU C 148 -24.58 -16.32 2.80
C GLU C 148 -23.42 -17.32 2.73
N ARG C 149 -22.56 -17.17 1.71
CA ARG C 149 -21.43 -18.08 1.55
C ARG C 149 -20.51 -17.99 2.76
N LEU C 150 -20.13 -16.76 3.13
CA LEU C 150 -19.23 -16.55 4.26
C LEU C 150 -19.83 -17.11 5.55
N THR C 151 -21.12 -16.88 5.77
CA THR C 151 -21.76 -17.39 6.98
C THR C 151 -21.67 -18.91 7.06
N GLN C 152 -22.03 -19.60 5.98
CA GLN C 152 -21.91 -21.06 6.02
C GLN C 152 -20.47 -21.52 6.11
N GLU C 153 -19.52 -20.78 5.52
CA GLU C 153 -18.12 -21.17 5.64
C GLU C 153 -17.61 -21.01 7.06
N ARG C 154 -18.12 -20.02 7.80
CA ARG C 154 -17.83 -19.96 9.23
C ARG C 154 -18.39 -21.19 9.94
N ILE C 155 -19.61 -21.57 9.59
CA ILE C 155 -20.20 -22.82 10.08
C ILE C 155 -19.43 -24.01 9.53
N MET D 2 -37.22 31.43 -7.94
CA MET D 2 -36.26 31.86 -6.94
C MET D 2 -35.55 30.65 -6.32
N THR D 3 -34.23 30.74 -6.20
CA THR D 3 -33.45 29.62 -5.68
C THR D 3 -33.66 29.46 -4.17
N GLU D 4 -33.83 28.22 -3.74
CA GLU D 4 -34.04 27.88 -2.34
C GLU D 4 -32.79 27.26 -1.73
N TYR D 5 -32.59 27.50 -0.44
CA TYR D 5 -31.46 26.95 0.31
C TYR D 5 -32.03 26.31 1.56
N LYS D 6 -31.82 24.99 1.70
CA LYS D 6 -32.37 24.20 2.81
C LYS D 6 -31.27 23.99 3.84
N LEU D 7 -31.38 24.66 4.98
CA LEU D 7 -30.36 24.64 6.02
C LEU D 7 -30.82 23.81 7.22
N VAL D 8 -29.88 23.08 7.83
CA VAL D 8 -30.17 22.21 8.97
C VAL D 8 -29.22 22.56 10.11
N VAL D 9 -29.76 22.84 11.30
CA VAL D 9 -28.98 23.24 12.46
C VAL D 9 -28.88 22.05 13.42
N VAL D 10 -27.67 21.57 13.67
CA VAL D 10 -27.45 20.39 14.49
C VAL D 10 -26.52 20.73 15.65
N GLY D 11 -26.64 19.95 16.71
CA GLY D 11 -25.86 20.13 17.92
C GLY D 11 -26.53 19.44 19.09
N ALA D 12 -25.83 19.45 20.23
CA ALA D 12 -26.35 18.81 21.42
C ALA D 12 -27.54 19.57 21.98
N VAL D 13 -28.33 18.89 22.82
CA VAL D 13 -29.48 19.53 23.44
C VAL D 13 -28.99 20.49 24.52
N GLY D 14 -29.42 21.74 24.43
CA GLY D 14 -28.98 22.77 25.35
C GLY D 14 -27.87 23.65 24.82
N VAL D 15 -27.56 23.56 23.52
CA VAL D 15 -26.52 24.39 22.93
C VAL D 15 -27.07 25.75 22.51
N GLY D 16 -28.34 25.83 22.14
CA GLY D 16 -28.95 27.05 21.68
C GLY D 16 -29.39 27.03 20.23
N LYS D 17 -29.61 25.85 19.64
CA LYS D 17 -30.02 25.77 18.25
C LYS D 17 -31.34 26.48 18.02
N SER D 18 -32.34 26.19 18.85
CA SER D 18 -33.67 26.78 18.66
C SER D 18 -33.64 28.29 18.79
N ALA D 19 -33.05 28.80 19.88
CA ALA D 19 -33.00 30.25 20.08
C ALA D 19 -32.27 30.95 18.95
N LEU D 20 -31.15 30.37 18.50
CA LEU D 20 -30.40 30.94 17.39
C LEU D 20 -31.24 30.97 16.12
N THR D 21 -31.97 29.88 15.86
CA THR D 21 -32.80 29.79 14.66
C THR D 21 -33.88 30.87 14.68
N ILE D 22 -34.56 31.00 15.81
CA ILE D 22 -35.62 32.02 15.94
C ILE D 22 -35.01 33.41 15.80
N GLN D 23 -33.81 33.60 16.35
CA GLN D 23 -33.12 34.88 16.21
C GLN D 23 -32.87 35.22 14.75
N LEU D 24 -32.68 34.21 13.91
CA LEU D 24 -32.49 34.49 12.49
C LEU D 24 -33.79 35.02 11.86
N ILE D 25 -34.95 34.62 12.36
CA ILE D 25 -36.21 34.89 11.67
C ILE D 25 -37.07 35.90 12.42
N GLN D 26 -37.54 35.52 13.61
CA GLN D 26 -38.42 36.41 14.37
C GLN D 26 -37.67 37.56 15.03
N ASN D 27 -36.34 37.60 14.94
CA ASN D 27 -35.54 38.75 15.39
C ASN D 27 -35.70 39.04 16.88
N HIS D 28 -35.85 37.97 17.66
CA HIS D 28 -35.90 38.11 19.14
C HIS D 28 -35.21 36.91 19.78
N PHE D 29 -34.43 37.13 20.83
CA PHE D 29 -33.82 36.04 21.56
C PHE D 29 -34.84 35.41 22.48
N VAL D 30 -34.95 34.08 22.45
CA VAL D 30 -35.91 33.36 23.26
C VAL D 30 -35.14 32.72 24.41
N ASP D 31 -35.48 33.13 25.64
CA ASP D 31 -34.73 32.68 26.80
C ASP D 31 -34.94 31.21 27.09
N GLU D 32 -36.12 30.67 26.80
CA GLU D 32 -36.41 29.28 27.10
C GLU D 32 -37.33 28.73 26.03
N TYR D 33 -36.88 27.67 25.37
CA TYR D 33 -37.63 26.98 24.32
C TYR D 33 -37.77 25.51 24.71
N ASP D 34 -38.88 24.91 24.31
CA ASP D 34 -39.11 23.50 24.59
C ASP D 34 -38.01 22.66 23.97
N PRO D 35 -37.30 21.84 24.74
CA PRO D 35 -36.21 21.03 24.17
C PRO D 35 -36.69 20.02 23.14
N THR D 36 -37.96 19.63 23.18
CA THR D 36 -38.48 18.58 22.33
C THR D 36 -39.05 19.07 20.99
N ILE D 37 -39.12 20.38 20.76
CA ILE D 37 -39.81 20.89 19.58
C ILE D 37 -38.80 21.05 18.44
N GLU D 38 -39.01 20.27 17.38
CA GLU D 38 -38.24 20.36 16.14
C GLU D 38 -39.18 20.78 15.03
N ASP D 39 -38.81 21.85 14.32
CA ASP D 39 -39.67 22.36 13.26
C ASP D 39 -38.82 23.07 12.22
N SER D 40 -39.42 23.29 11.06
CA SER D 40 -38.78 24.03 9.99
C SER D 40 -39.40 25.42 9.86
N TYR D 41 -38.61 26.35 9.34
CA TYR D 41 -39.04 27.73 9.15
C TYR D 41 -38.55 28.21 7.80
N ARG D 42 -39.35 29.03 7.12
CA ARG D 42 -38.99 29.61 5.83
C ARG D 42 -38.87 31.12 5.96
N LYS D 43 -37.87 31.68 5.28
CA LYS D 43 -37.66 33.13 5.32
C LYS D 43 -37.04 33.61 4.01
N GLN D 44 -37.62 34.64 3.42
CA GLN D 44 -37.04 35.28 2.25
C GLN D 44 -36.00 36.30 2.68
N VAL D 45 -34.76 36.13 2.23
CA VAL D 45 -33.65 37.00 2.60
C VAL D 45 -32.86 37.34 1.35
N VAL D 46 -31.88 38.24 1.51
CA VAL D 46 -31.00 38.66 0.44
C VAL D 46 -29.56 38.40 0.88
N ILE D 47 -28.83 37.64 0.09
CA ILE D 47 -27.41 37.35 0.32
C ILE D 47 -26.64 37.85 -0.89
N ASP D 48 -25.72 38.79 -0.66
CA ASP D 48 -24.91 39.37 -1.73
C ASP D 48 -25.78 39.83 -2.89
N GLY D 49 -26.94 40.41 -2.58
CA GLY D 49 -27.89 40.87 -3.57
C GLY D 49 -28.86 39.81 -4.05
N GLU D 50 -28.44 38.55 -4.09
CA GLU D 50 -29.30 37.48 -4.56
C GLU D 50 -30.46 37.26 -3.59
N THR D 51 -31.68 37.20 -4.13
CA THR D 51 -32.87 36.98 -3.31
C THR D 51 -33.02 35.48 -3.11
N CYS D 52 -32.61 35.00 -1.94
CA CYS D 52 -32.64 33.60 -1.56
C CYS D 52 -33.80 33.30 -0.63
N LEU D 53 -34.27 32.06 -0.67
CA LEU D 53 -35.28 31.56 0.26
C LEU D 53 -34.60 30.53 1.18
N LEU D 54 -34.50 30.84 2.46
CA LEU D 54 -33.92 29.92 3.43
C LEU D 54 -34.99 29.04 4.04
N ASP D 55 -34.73 27.73 4.07
CA ASP D 55 -35.54 26.73 4.76
C ASP D 55 -34.66 26.11 5.84
N ILE D 56 -34.98 26.39 7.10
CA ILE D 56 -34.14 26.00 8.23
C ILE D 56 -34.87 24.96 9.07
N LEU D 57 -34.28 23.76 9.16
CA LEU D 57 -34.76 22.71 10.05
C LEU D 57 -34.02 22.83 11.38
N ASP D 58 -34.75 23.15 12.45
CA ASP D 58 -34.18 23.23 13.79
C ASP D 58 -34.29 21.86 14.43
N THR D 59 -33.21 21.08 14.34
CA THR D 59 -33.24 19.71 14.84
C THR D 59 -33.43 19.69 16.36
N ALA D 60 -34.04 18.62 16.84
CA ALA D 60 -34.25 18.39 18.27
C ALA D 60 -34.72 16.95 18.45
N GLY D 61 -34.47 16.42 19.64
CA GLY D 61 -34.93 15.09 20.00
C GLY D 61 -33.77 14.13 20.19
N GLN D 62 -34.14 12.92 20.61
CA GLN D 62 -33.18 11.85 20.87
C GLN D 62 -32.62 11.30 19.55
N GLU D 63 -31.50 10.58 19.66
CA GLU D 63 -30.89 9.96 18.50
C GLU D 63 -31.86 9.04 17.78
N GLU D 64 -31.85 9.11 16.45
CA GLU D 64 -32.59 8.16 15.64
C GLU D 64 -31.78 7.90 14.38
N TYR D 65 -31.13 6.74 14.31
CA TYR D 65 -30.36 6.37 13.12
C TYR D 65 -31.13 5.38 12.26
N SER D 66 -32.38 5.75 11.97
CA SER D 66 -33.24 4.97 11.11
C SER D 66 -33.11 5.43 9.66
N ALA D 67 -33.68 4.66 8.75
CA ALA D 67 -33.67 5.06 7.34
C ALA D 67 -34.45 6.35 7.14
N MET D 68 -35.55 6.51 7.86
CA MET D 68 -36.39 7.69 7.70
C MET D 68 -35.68 8.95 8.19
N ARG D 69 -35.05 8.89 9.36
CA ARG D 69 -34.29 10.05 9.84
C ARG D 69 -33.09 10.33 8.96
N ASP D 70 -32.43 9.27 8.47
CA ASP D 70 -31.32 9.43 7.54
C ASP D 70 -31.77 10.20 6.30
N GLN D 71 -32.90 9.81 5.71
CA GLN D 71 -33.37 10.51 4.52
C GLN D 71 -33.85 11.92 4.84
N TYR D 72 -34.43 12.13 6.02
CA TYR D 72 -34.85 13.49 6.39
C TYR D 72 -33.66 14.42 6.46
N MET D 73 -32.59 13.99 7.13
CA MET D 73 -31.37 14.81 7.20
C MET D 73 -30.65 14.86 5.85
N ARG D 74 -30.82 13.84 5.03
CA ARG D 74 -30.16 13.78 3.72
C ARG D 74 -30.60 14.91 2.79
N THR D 75 -31.79 15.48 3.00
CA THR D 75 -32.27 16.58 2.19
C THR D 75 -31.59 17.91 2.53
N GLY D 76 -30.77 17.96 3.59
CA GLY D 76 -30.11 19.20 3.95
C GLY D 76 -28.98 19.52 3.00
N GLU D 77 -28.99 20.76 2.48
CA GLU D 77 -27.91 21.22 1.61
C GLU D 77 -26.73 21.77 2.40
N GLY D 78 -26.98 22.26 3.61
CA GLY D 78 -25.92 22.82 4.43
C GLY D 78 -26.28 22.66 5.89
N PHE D 79 -25.25 22.55 6.72
CA PHE D 79 -25.41 22.18 8.12
C PHE D 79 -24.68 23.15 9.03
N LEU D 80 -25.33 23.52 10.13
CA LEU D 80 -24.79 24.36 11.18
C LEU D 80 -24.45 23.46 12.35
N CYS D 81 -23.21 23.01 12.42
CA CYS D 81 -22.74 22.26 13.57
C CYS D 81 -22.43 23.28 14.66
N VAL D 82 -23.29 23.35 15.68
CA VAL D 82 -23.23 24.44 16.64
C VAL D 82 -22.89 23.87 18.01
N PHE D 83 -22.04 24.59 18.75
CA PHE D 83 -21.73 24.25 20.13
C PHE D 83 -21.82 25.49 21.01
N ALA D 84 -21.89 25.25 22.31
CA ALA D 84 -21.86 26.31 23.31
C ALA D 84 -20.49 26.35 23.97
N ILE D 85 -19.92 27.55 24.09
CA ILE D 85 -18.61 27.71 24.72
C ILE D 85 -18.65 27.43 26.22
N ASN D 86 -19.84 27.27 26.81
CA ASN D 86 -19.93 26.90 28.22
C ASN D 86 -20.04 25.40 28.45
N ASN D 87 -20.19 24.60 27.39
CA ASN D 87 -20.32 23.15 27.50
C ASN D 87 -19.21 22.47 26.71
N THR D 88 -18.33 21.74 27.41
CA THR D 88 -17.25 21.04 26.74
C THR D 88 -17.77 19.90 25.87
N LYS D 89 -18.80 19.20 26.35
CA LYS D 89 -19.33 18.06 25.62
C LYS D 89 -19.84 18.44 24.23
N SER D 90 -20.36 19.65 24.07
CA SER D 90 -20.83 20.08 22.75
C SER D 90 -19.66 20.16 21.76
N PHE D 91 -18.55 20.76 22.19
CA PHE D 91 -17.38 20.85 21.32
C PHE D 91 -16.81 19.47 21.03
N GLU D 92 -16.89 18.55 21.98
CA GLU D 92 -16.46 17.18 21.68
C GLU D 92 -17.40 16.49 20.70
N ASP D 93 -18.72 16.69 20.84
CA ASP D 93 -19.72 16.02 20.03
C ASP D 93 -19.76 16.51 18.58
N ILE D 94 -19.28 17.73 18.33
CA ILE D 94 -19.21 18.30 16.99
C ILE D 94 -18.70 17.28 15.98
N HIS D 95 -17.67 16.51 16.37
CA HIS D 95 -17.07 15.53 15.47
C HIS D 95 -18.06 14.44 15.08
N HIS D 96 -18.79 13.90 16.06
CA HIS D 96 -19.77 12.86 15.76
C HIS D 96 -20.85 13.38 14.82
N TYR D 97 -21.36 14.58 15.10
CA TYR D 97 -22.37 15.18 14.20
C TYR D 97 -21.82 15.33 12.79
N ARG D 98 -20.53 15.71 12.67
CA ARG D 98 -19.92 15.88 11.36
C ARG D 98 -19.82 14.56 10.60
N GLU D 99 -19.42 13.50 11.30
CA GLU D 99 -19.33 12.20 10.64
C GLU D 99 -20.70 11.70 10.19
N GLN D 100 -21.74 11.97 11.00
CA GLN D 100 -23.08 11.56 10.58
C GLN D 100 -23.52 12.31 9.34
N ILE D 101 -23.20 13.61 9.26
CA ILE D 101 -23.51 14.38 8.06
C ILE D 101 -22.81 13.77 6.85
N LYS D 102 -21.52 13.48 6.99
CA LYS D 102 -20.78 12.90 5.87
C LYS D 102 -21.36 11.56 5.45
N ARG D 103 -21.87 10.79 6.41
CA ARG D 103 -22.46 9.50 6.06
C ARG D 103 -23.74 9.70 5.26
N VAL D 104 -24.67 10.52 5.77
CA VAL D 104 -25.96 10.62 5.08
C VAL D 104 -25.83 11.34 3.75
N LYS D 105 -24.87 12.26 3.62
CA LYS D 105 -24.66 12.95 2.36
C LYS D 105 -23.78 12.17 1.39
N ASP D 106 -23.15 11.10 1.86
CA ASP D 106 -22.30 10.22 1.04
C ASP D 106 -21.17 11.01 0.38
N SER D 107 -20.45 11.78 1.19
CA SER D 107 -19.33 12.58 0.72
C SER D 107 -18.55 13.07 1.93
N GLU D 108 -17.25 13.32 1.71
CA GLU D 108 -16.45 13.97 2.74
C GLU D 108 -16.60 15.48 2.70
N ASP D 109 -17.04 16.04 1.57
CA ASP D 109 -17.23 17.47 1.40
C ASP D 109 -18.72 17.77 1.39
N VAL D 110 -19.23 18.24 2.53
CA VAL D 110 -20.60 18.67 2.68
C VAL D 110 -20.57 20.11 3.17
N PRO D 111 -21.34 21.02 2.58
CA PRO D 111 -21.32 22.42 3.04
C PRO D 111 -21.76 22.55 4.48
N MET D 112 -20.90 23.12 5.30
CA MET D 112 -21.22 23.32 6.71
C MET D 112 -20.36 24.45 7.29
N VAL D 113 -20.80 24.95 8.45
CA VAL D 113 -20.14 26.05 9.14
C VAL D 113 -20.16 25.76 10.63
N LEU D 114 -19.01 25.90 11.30
CA LEU D 114 -18.92 25.72 12.74
C LEU D 114 -19.38 26.98 13.45
N VAL D 115 -20.11 26.80 14.55
CA VAL D 115 -20.70 27.90 15.30
C VAL D 115 -20.34 27.77 16.77
N GLY D 116 -19.78 28.83 17.34
CA GLY D 116 -19.58 28.91 18.77
C GLY D 116 -20.57 29.84 19.42
N ASN D 117 -21.61 29.29 20.05
CA ASN D 117 -22.72 30.11 20.54
C ASN D 117 -22.49 30.49 22.00
N LYS D 118 -23.40 31.35 22.49
CA LYS D 118 -23.33 31.87 23.86
C LYS D 118 -22.06 32.68 24.09
N SER D 119 -21.69 33.51 23.12
CA SER D 119 -20.51 34.35 23.28
C SER D 119 -20.77 35.55 24.18
N ASP D 120 -21.95 35.62 24.82
CA ASP D 120 -22.21 36.62 25.84
C ASP D 120 -21.93 36.12 27.24
N LEU D 121 -21.93 34.80 27.45
CA LEU D 121 -21.65 34.27 28.77
C LEU D 121 -20.19 34.50 29.11
N PRO D 122 -19.89 34.93 30.34
CA PRO D 122 -18.48 35.18 30.70
C PRO D 122 -17.67 33.90 30.80
N SER D 123 -18.27 32.81 31.26
CA SER D 123 -17.57 31.55 31.41
C SER D 123 -17.20 30.98 30.04
N ARG D 124 -15.96 30.54 29.89
CA ARG D 124 -15.48 29.94 28.65
C ARG D 124 -14.84 28.61 28.96
N THR D 125 -15.44 27.52 28.44
CA THR D 125 -14.79 26.23 28.53
C THR D 125 -13.91 25.95 27.33
N VAL D 126 -14.31 26.47 26.16
CA VAL D 126 -13.49 26.44 24.96
C VAL D 126 -13.45 27.86 24.42
N ASP D 127 -12.26 28.40 24.24
CA ASP D 127 -12.08 29.74 23.70
C ASP D 127 -12.41 29.76 22.21
N THR D 128 -12.43 30.97 21.65
CA THR D 128 -12.64 31.18 20.22
C THR D 128 -11.47 30.67 19.37
N LYS D 129 -10.33 30.36 19.99
CA LYS D 129 -9.15 29.99 19.20
C LYS D 129 -9.15 28.52 18.77
N GLN D 130 -9.45 27.59 19.67
CA GLN D 130 -9.47 26.17 19.31
C GLN D 130 -10.51 25.86 18.23
N ALA D 131 -11.67 26.51 18.30
CA ALA D 131 -12.73 26.23 17.33
C ALA D 131 -12.26 26.53 15.91
N GLN D 132 -11.52 27.63 15.72
CA GLN D 132 -10.99 27.94 14.40
C GLN D 132 -9.97 26.91 13.96
N ASP D 133 -9.15 26.41 14.89
CA ASP D 133 -8.21 25.34 14.57
C ASP D 133 -8.93 24.08 14.09
N LEU D 134 -9.99 23.70 14.80
CA LEU D 134 -10.73 22.50 14.41
C LEU D 134 -11.42 22.69 13.07
N ALA D 135 -12.01 23.87 12.85
CA ALA D 135 -12.61 24.16 11.55
C ALA D 135 -11.57 24.10 10.43
N ARG D 136 -10.36 24.61 10.70
CA ARG D 136 -9.26 24.48 9.73
C ARG D 136 -8.97 23.01 9.43
N SER D 137 -9.01 22.15 10.44
CA SER D 137 -8.85 20.73 10.21
C SER D 137 -10.01 20.16 9.39
N TYR D 138 -11.19 20.78 9.49
CA TYR D 138 -12.35 20.35 8.71
C TYR D 138 -12.45 21.03 7.35
N GLY D 139 -11.88 22.22 7.20
CA GLY D 139 -12.05 22.98 5.98
C GLY D 139 -13.32 23.79 5.90
N ILE D 140 -13.81 24.28 7.03
CA ILE D 140 -15.06 25.05 7.07
C ILE D 140 -14.79 26.35 7.83
N PRO D 141 -15.64 27.35 7.65
CA PRO D 141 -15.54 28.57 8.46
C PRO D 141 -16.05 28.34 9.87
N PHE D 142 -15.61 29.22 10.77
CA PHE D 142 -16.12 29.28 12.13
C PHE D 142 -16.65 30.67 12.41
N ILE D 143 -17.85 30.74 12.98
CA ILE D 143 -18.46 31.99 13.40
C ILE D 143 -18.74 31.90 14.89
N GLU D 144 -18.32 32.91 15.63
CA GLU D 144 -18.55 32.92 17.08
C GLU D 144 -19.78 33.75 17.43
N THR D 145 -20.93 33.31 16.93
CA THR D 145 -22.13 34.10 17.07
C THR D 145 -22.80 33.73 18.39
N SER D 146 -23.57 34.67 18.92
CA SER D 146 -24.31 34.46 20.16
C SER D 146 -25.76 34.90 19.95
N ALA D 147 -26.70 33.98 20.15
CA ALA D 147 -28.10 34.32 19.95
C ALA D 147 -28.59 35.37 20.93
N LYS D 148 -28.03 35.41 22.15
CA LYS D 148 -28.48 36.36 23.16
C LYS D 148 -28.14 37.79 22.72
N THR D 149 -26.88 38.05 22.37
CA THR D 149 -26.53 39.35 21.88
C THR D 149 -26.81 39.50 20.38
N ARG D 150 -27.11 38.39 19.69
CA ARG D 150 -27.44 38.36 18.27
C ARG D 150 -26.32 38.88 17.37
N GLN D 151 -25.11 39.02 17.91
CA GLN D 151 -23.98 39.36 17.08
C GLN D 151 -23.54 38.17 16.23
N GLY D 152 -23.47 38.37 14.91
CA GLY D 152 -22.94 37.38 14.01
C GLY D 152 -23.85 36.24 13.63
N VAL D 153 -25.11 36.23 14.09
CA VAL D 153 -26.03 35.15 13.73
C VAL D 153 -26.28 35.14 12.22
N ASP D 154 -26.67 36.30 11.69
CA ASP D 154 -26.89 36.43 10.25
C ASP D 154 -25.61 36.11 9.49
N ASP D 155 -24.46 36.52 10.04
CA ASP D 155 -23.19 36.17 9.43
C ASP D 155 -23.05 34.66 9.30
N ALA D 156 -23.39 33.92 10.36
CA ALA D 156 -23.30 32.46 10.31
C ALA D 156 -24.21 31.87 9.22
N PHE D 157 -25.49 32.22 9.25
CA PHE D 157 -26.42 31.65 8.26
C PHE D 157 -26.02 32.02 6.83
N TYR D 158 -25.66 33.29 6.62
CA TYR D 158 -25.28 33.74 5.28
C TYR D 158 -23.98 33.10 4.84
N THR D 159 -23.05 32.87 5.77
CA THR D 159 -21.82 32.15 5.45
C THR D 159 -22.11 30.72 5.05
N LEU D 160 -23.11 30.09 5.68
CA LEU D 160 -23.50 28.76 5.22
C LEU D 160 -24.06 28.82 3.81
N VAL D 161 -24.87 29.83 3.50
CA VAL D 161 -25.37 29.97 2.14
C VAL D 161 -24.21 30.17 1.16
N ARG D 162 -23.21 30.95 1.57
CA ARG D 162 -22.01 31.15 0.75
C ARG D 162 -21.29 29.83 0.49
N GLU D 163 -21.10 29.03 1.56
CA GLU D 163 -20.44 27.74 1.40
C GLU D 163 -21.23 26.81 0.49
N ILE D 164 -22.56 26.81 0.63
CA ILE D 164 -23.42 26.04 -0.26
C ILE D 164 -23.21 26.48 -1.70
N ARG D 165 -23.27 27.79 -1.95
CA ARG D 165 -23.06 28.31 -3.31
C ARG D 165 -21.71 27.88 -3.87
N LYS D 166 -20.68 27.91 -3.04
CA LYS D 166 -19.37 27.47 -3.50
C LYS D 166 -19.36 25.99 -3.83
N HIS D 167 -20.09 25.19 -3.05
CA HIS D 167 -20.16 23.76 -3.30
C HIS D 167 -20.99 23.44 -4.55
N LYS D 168 -22.03 24.22 -4.81
CA LYS D 168 -22.85 24.02 -6.01
C LYS D 168 -22.15 24.50 -7.26
N GLU D 169 -21.19 25.42 -7.13
CA GLU D 169 -20.37 25.85 -8.25
C GLU D 169 -19.01 25.17 -8.21
N MET E 1 -9.06 12.52 -10.19
CA MET E 1 -7.71 12.73 -9.69
C MET E 1 -7.33 14.20 -9.68
N ASP E 2 -6.20 14.52 -9.06
CA ASP E 2 -5.64 15.86 -9.05
C ASP E 2 -4.50 15.97 -10.05
N VAL E 3 -4.39 17.15 -10.67
CA VAL E 3 -3.31 17.48 -11.58
C VAL E 3 -2.55 18.66 -11.00
N PHE E 4 -1.21 18.57 -11.02
CA PHE E 4 -0.34 19.61 -10.49
C PHE E 4 0.51 20.15 -11.63
N LEU E 5 0.42 21.46 -11.88
CA LEU E 5 1.01 22.06 -13.06
C LEU E 5 1.80 23.31 -12.70
N MET E 6 2.78 23.63 -13.54
CA MET E 6 3.40 24.95 -13.58
C MET E 6 3.21 25.50 -14.99
N ILE E 7 2.38 26.52 -15.12
CA ILE E 7 2.13 27.17 -16.40
C ILE E 7 3.15 28.28 -16.60
N ARG E 8 3.80 28.30 -17.75
CA ARG E 8 4.95 29.15 -17.98
C ARG E 8 4.74 30.06 -19.19
N ARG E 9 5.32 31.26 -19.09
CA ARG E 9 5.32 32.26 -20.16
C ARG E 9 6.53 33.16 -19.98
N HIS E 10 7.41 33.18 -20.98
CA HIS E 10 8.65 33.93 -20.88
C HIS E 10 9.44 33.48 -19.66
N LYS E 11 9.57 34.37 -18.67
CA LYS E 11 10.26 34.06 -17.42
C LYS E 11 9.31 33.85 -16.24
N THR E 12 8.00 33.80 -16.50
CA THR E 12 7.00 33.64 -15.46
C THR E 12 6.55 32.20 -15.36
N THR E 13 6.39 31.73 -14.13
CA THR E 13 5.94 30.36 -13.86
C THR E 13 4.95 30.38 -12.71
N ILE E 14 3.74 29.89 -12.96
CA ILE E 14 2.68 29.82 -11.96
C ILE E 14 2.51 28.38 -11.55
N PHE E 15 2.66 28.11 -10.25
CA PHE E 15 2.46 26.78 -9.68
C PHE E 15 1.04 26.68 -9.16
N THR E 16 0.26 25.75 -9.71
CA THR E 16 -1.11 25.60 -9.24
C THR E 16 -1.59 24.19 -9.55
N ASP E 17 -2.70 23.81 -8.91
CA ASP E 17 -3.33 22.51 -9.07
C ASP E 17 -4.72 22.67 -9.67
N ALA E 18 -5.29 21.54 -10.09
CA ALA E 18 -6.65 21.47 -10.61
C ALA E 18 -7.12 20.02 -10.55
N LYS E 19 -8.38 19.81 -10.94
CA LYS E 19 -8.89 18.46 -11.14
C LYS E 19 -8.66 18.04 -12.58
N GLU E 20 -8.33 16.75 -12.76
CA GLU E 20 -8.18 16.20 -14.10
C GLU E 20 -9.48 16.27 -14.89
N SER E 21 -10.63 16.41 -14.21
CA SER E 21 -11.88 16.61 -14.92
C SER E 21 -12.00 18.01 -15.50
N SER E 22 -11.25 18.97 -14.98
CA SER E 22 -11.29 20.33 -15.51
C SER E 22 -10.73 20.35 -16.92
N THR E 23 -11.42 21.05 -17.83
CA THR E 23 -10.99 21.14 -19.22
C THR E 23 -10.10 22.37 -19.41
N VAL E 24 -9.46 22.42 -20.58
CA VAL E 24 -8.42 23.41 -20.85
C VAL E 24 -8.92 24.84 -20.70
N PHE E 25 -10.20 25.10 -21.00
CA PHE E 25 -10.67 26.48 -21.03
C PHE E 25 -10.90 27.07 -19.64
N GLU E 26 -11.39 26.27 -18.68
CA GLU E 26 -11.67 26.80 -17.34
C GLU E 26 -10.39 27.18 -16.58
N LEU E 27 -9.28 26.50 -16.86
CA LEU E 27 -8.00 26.88 -16.25
C LEU E 27 -7.63 28.31 -16.62
N LYS E 28 -8.03 28.74 -17.81
CA LYS E 28 -7.80 30.11 -18.24
C LYS E 28 -8.40 31.11 -17.26
N ARG E 29 -9.55 30.76 -16.66
CA ARG E 29 -10.17 31.65 -15.68
C ARG E 29 -9.30 31.79 -14.43
N ILE E 30 -8.74 30.68 -13.94
CA ILE E 30 -7.87 30.75 -12.77
C ILE E 30 -6.63 31.59 -13.06
N VAL E 31 -6.07 31.44 -14.27
CA VAL E 31 -4.90 32.26 -14.57
C VAL E 31 -5.33 33.70 -14.82
N GLU E 32 -6.59 33.95 -15.15
CA GLU E 32 -7.11 35.32 -15.11
C GLU E 32 -7.05 35.86 -13.69
N GLY E 33 -7.57 35.07 -12.73
CA GLY E 33 -7.54 35.47 -11.34
C GLY E 33 -6.15 35.73 -10.82
N ILE E 34 -5.14 35.13 -11.44
CA ILE E 34 -3.76 35.27 -10.97
C ILE E 34 -2.99 36.35 -11.73
N LEU E 35 -3.05 36.35 -13.07
CA LEU E 35 -2.32 37.29 -13.91
C LEU E 35 -3.16 38.48 -14.37
N LYS E 36 -4.45 38.52 -14.03
CA LYS E 36 -5.31 39.69 -14.21
C LYS E 36 -5.54 40.04 -15.68
N ARG E 37 -5.82 39.04 -16.52
CA ARG E 37 -6.15 39.21 -17.94
C ARG E 37 -7.17 38.18 -18.38
N PRO E 38 -8.12 38.56 -19.23
CA PRO E 38 -9.25 37.66 -19.56
C PRO E 38 -8.79 36.42 -20.31
N PRO E 39 -9.61 35.36 -20.30
CA PRO E 39 -9.22 34.10 -20.97
C PRO E 39 -9.06 34.19 -22.48
N ASP E 40 -9.55 35.24 -23.13
CA ASP E 40 -9.39 35.34 -24.57
C ASP E 40 -7.92 35.49 -24.94
N GLU E 41 -7.17 36.22 -24.12
CA GLU E 41 -5.79 36.52 -24.49
C GLU E 41 -4.88 35.32 -24.35
N GLN E 42 -5.32 34.27 -23.68
CA GLN E 42 -4.44 33.17 -23.36
C GLN E 42 -4.58 32.04 -24.36
N ARG E 43 -3.48 31.33 -24.56
CA ARG E 43 -3.41 30.20 -25.47
C ARG E 43 -2.47 29.20 -24.82
N LEU E 44 -2.99 28.02 -24.49
CA LEU E 44 -2.23 27.04 -23.73
C LEU E 44 -1.67 25.97 -24.65
N TYR E 45 -0.49 25.47 -24.28
CA TYR E 45 0.27 24.53 -25.09
C TYR E 45 0.72 23.34 -24.25
N LYS E 46 0.65 22.16 -24.85
CA LYS E 46 1.37 20.99 -24.37
C LYS E 46 2.56 20.76 -25.29
N ASP E 47 3.76 20.79 -24.72
CA ASP E 47 5.04 20.74 -25.46
C ASP E 47 5.07 21.93 -26.42
N ASP E 48 5.50 21.75 -27.66
CA ASP E 48 5.46 22.81 -28.67
C ASP E 48 4.14 22.81 -29.43
N GLN E 49 3.24 21.90 -29.08
CA GLN E 49 1.95 21.69 -29.74
C GLN E 49 0.86 22.56 -29.10
N LEU E 50 -0.15 22.87 -29.89
CA LEU E 50 -1.27 23.70 -29.46
C LEU E 50 -2.37 22.88 -28.80
N LEU E 51 -2.83 23.35 -27.63
CA LEU E 51 -3.89 22.68 -26.87
C LEU E 51 -5.20 23.37 -27.19
N ASP E 52 -6.19 22.59 -27.63
CA ASP E 52 -7.52 23.08 -27.93
C ASP E 52 -8.42 23.00 -26.71
N ASP E 53 -9.08 24.10 -26.37
CA ASP E 53 -9.91 24.17 -25.17
C ASP E 53 -11.13 23.25 -25.24
N THR E 56 -9.94 18.28 -22.83
CA THR E 56 -9.82 17.72 -21.49
C THR E 56 -8.37 17.68 -21.06
N LEU E 57 -8.10 17.89 -19.77
CA LEU E 57 -6.75 17.77 -19.25
C LEU E 57 -6.20 16.36 -19.49
N GLY E 58 -6.97 15.34 -19.10
CA GLY E 58 -6.55 13.97 -19.32
C GLY E 58 -6.38 13.61 -20.78
N GLU E 59 -7.14 14.25 -21.66
CA GLU E 59 -7.05 13.94 -23.08
C GLU E 59 -5.77 14.44 -23.73
N CYS E 60 -5.08 15.39 -23.10
CA CYS E 60 -3.81 15.89 -23.64
C CYS E 60 -2.60 15.15 -23.10
N GLY E 61 -2.77 14.32 -22.07
CA GLY E 61 -1.67 13.67 -21.41
C GLY E 61 -1.46 14.14 -19.99
N PHE E 62 -2.40 14.89 -19.43
CA PHE E 62 -2.29 15.40 -18.06
C PHE E 62 -3.05 14.44 -17.16
N THR E 63 -2.34 13.43 -16.67
CA THR E 63 -2.87 12.47 -15.72
C THR E 63 -2.17 12.70 -14.38
N SER E 64 -2.75 12.13 -13.32
CA SER E 64 -2.12 12.23 -12.02
C SER E 64 -0.71 11.66 -12.03
N GLN E 65 -0.49 10.61 -12.83
CA GLN E 65 0.84 10.01 -12.93
C GLN E 65 1.83 10.93 -13.62
N THR E 66 1.36 11.81 -14.51
CA THR E 66 2.25 12.66 -15.29
C THR E 66 2.31 14.10 -14.79
N ALA E 67 1.56 14.43 -13.73
CA ALA E 67 1.59 15.77 -13.15
C ALA E 67 1.53 15.63 -11.64
N ARG E 68 2.63 15.19 -11.05
CA ARG E 68 2.73 14.96 -9.62
C ARG E 68 3.13 16.26 -8.91
N PRO E 69 2.89 16.35 -7.60
CA PRO E 69 3.35 17.54 -6.87
C PRO E 69 4.85 17.77 -6.97
N GLN E 70 5.63 16.71 -6.80
CA GLN E 70 7.09 16.80 -6.90
C GLN E 70 7.57 16.88 -8.33
N ALA E 71 6.70 16.68 -9.32
CA ALA E 71 7.07 16.78 -10.73
C ALA E 71 5.85 17.29 -11.51
N PRO E 72 5.52 18.57 -11.36
CA PRO E 72 4.35 19.10 -12.06
C PRO E 72 4.55 19.10 -13.56
N ALA E 73 3.47 18.86 -14.28
CA ALA E 73 3.50 18.89 -15.74
C ALA E 73 3.51 20.33 -16.22
N THR E 74 4.26 20.58 -17.28
CA THR E 74 4.45 21.94 -17.79
C THR E 74 3.36 22.27 -18.79
N VAL E 75 2.82 23.48 -18.68
CA VAL E 75 1.81 23.99 -19.60
C VAL E 75 2.27 25.34 -20.12
N GLY E 76 2.54 25.43 -21.42
CA GLY E 76 2.96 26.70 -22.00
C GLY E 76 1.80 27.65 -22.15
N LEU E 77 2.12 28.95 -22.09
CA LEU E 77 1.10 29.98 -22.15
C LEU E 77 1.56 31.10 -23.09
N ALA E 78 0.65 31.57 -23.94
CA ALA E 78 0.90 32.70 -24.82
C ALA E 78 -0.23 33.71 -24.68
N PHE E 79 0.13 34.99 -24.69
CA PHE E 79 -0.85 36.07 -24.64
C PHE E 79 -1.19 36.58 -26.04
N PHE E 85 -2.47 35.89 -31.52
CA PHE E 85 -2.14 36.08 -30.13
C PHE E 85 -0.65 36.44 -30.07
N GLU E 86 0.11 35.74 -29.24
CA GLU E 86 1.55 35.91 -29.16
C GLU E 86 2.23 34.60 -29.52
N ALA E 87 3.46 34.70 -30.04
CA ALA E 87 4.25 33.51 -30.33
C ALA E 87 4.66 32.80 -29.05
N LEU E 88 4.53 31.47 -29.05
CA LEU E 88 4.90 30.68 -27.87
C LEU E 88 6.38 30.82 -27.55
N CYS E 89 6.68 31.40 -26.38
CA CYS E 89 8.05 31.54 -25.93
C CYS E 89 8.14 31.21 -24.45
N ILE E 90 8.92 30.19 -24.11
CA ILE E 90 9.22 29.82 -22.72
C ILE E 90 10.72 29.92 -22.53
N GLU E 91 11.17 30.93 -21.80
CA GLU E 91 12.59 31.08 -21.53
C GLU E 91 13.02 30.04 -20.51
N PRO E 92 14.10 29.31 -20.77
CA PRO E 92 14.43 28.15 -19.93
C PRO E 92 15.05 28.54 -18.59
N PHE E 93 15.05 27.58 -17.68
CA PHE E 93 15.67 27.76 -16.38
C PHE E 93 17.20 27.77 -16.51
N SER E 94 17.87 28.19 -15.45
CA SER E 94 19.32 28.22 -15.42
C SER E 94 19.88 26.80 -15.44
N SER E 95 21.19 26.70 -15.64
CA SER E 95 21.81 25.39 -15.71
C SER E 95 22.65 25.14 -14.46
N PRO E 96 22.55 23.95 -13.86
CA PRO E 96 23.38 23.65 -12.70
C PRO E 96 24.83 23.46 -13.11
N PRO E 97 25.77 23.69 -12.20
CA PRO E 97 27.18 23.54 -12.55
C PRO E 97 27.53 22.08 -12.80
N GLU E 98 28.76 21.88 -13.26
CA GLU E 98 29.28 20.53 -13.43
C GLU E 98 29.32 19.79 -12.08
N LEU E 99 28.91 18.54 -12.10
CA LEU E 99 28.88 17.74 -10.89
C LEU E 99 30.30 17.60 -10.33
N PRO E 100 30.55 17.96 -9.07
CA PRO E 100 31.91 17.87 -8.53
C PRO E 100 32.50 16.47 -8.62
N ASP E 101 33.82 16.38 -8.54
CA ASP E 101 34.50 15.09 -8.63
C ASP E 101 34.11 14.19 -7.46
N VAL E 102 34.04 14.75 -6.25
CA VAL E 102 33.78 13.96 -5.05
C VAL E 102 32.37 13.40 -5.05
N MET E 103 31.52 13.87 -5.96
CA MET E 103 30.15 13.39 -6.11
C MET E 103 29.98 12.36 -7.21
N LYS E 104 31.02 12.15 -8.03
CA LYS E 104 30.94 11.17 -9.11
C LYS E 104 31.93 10.04 -8.88
N MET F 2 -4.90 33.95 -2.36
CA MET F 2 -3.73 34.83 -2.27
C MET F 2 -2.46 34.12 -2.74
N TYR F 3 -1.66 34.84 -3.53
CA TYR F 3 -0.47 34.31 -4.17
C TYR F 3 0.68 35.27 -3.95
N VAL F 4 1.89 34.71 -3.95
CA VAL F 4 3.11 35.49 -3.77
C VAL F 4 4.06 35.20 -4.93
N LYS F 5 4.77 36.24 -5.36
CA LYS F 5 5.75 36.17 -6.43
C LYS F 5 7.16 36.06 -5.83
N LEU F 6 7.95 35.13 -6.35
CA LEU F 6 9.30 34.86 -5.89
C LEU F 6 10.24 34.92 -7.10
N ILE F 7 11.11 35.93 -7.14
CA ILE F 7 12.05 36.10 -8.25
C ILE F 7 13.39 35.48 -7.88
N SER F 8 14.00 34.82 -8.87
CA SER F 8 15.29 34.17 -8.69
C SER F 8 16.42 35.10 -9.12
N SER F 9 17.65 34.60 -9.08
CA SER F 9 18.80 35.43 -9.41
C SER F 9 18.84 35.80 -10.89
N ASP F 10 18.37 34.90 -11.77
CA ASP F 10 18.34 35.16 -13.20
C ASP F 10 17.01 35.76 -13.65
N GLY F 11 16.21 36.29 -12.73
CA GLY F 11 15.03 37.06 -13.08
C GLY F 11 13.76 36.28 -13.29
N HIS F 12 13.74 34.99 -12.94
CA HIS F 12 12.55 34.18 -13.16
C HIS F 12 11.54 34.43 -12.04
N GLU F 13 10.28 34.68 -12.43
CA GLU F 13 9.20 34.93 -11.50
C GLU F 13 8.42 33.64 -11.28
N PHE F 14 8.35 33.19 -10.03
CA PHE F 14 7.60 31.99 -9.66
C PHE F 14 6.45 32.43 -8.76
N ILE F 15 5.22 32.23 -9.23
CA ILE F 15 4.04 32.64 -8.49
C ILE F 15 3.47 31.39 -7.82
N VAL F 16 3.49 31.37 -6.48
CA VAL F 16 2.97 30.22 -5.75
C VAL F 16 1.91 30.69 -4.77
N LYS F 17 1.04 29.76 -4.41
CA LYS F 17 0.05 30.01 -3.37
C LYS F 17 0.75 30.45 -2.09
N ARG F 18 0.22 31.50 -1.46
CA ARG F 18 0.85 32.03 -0.25
C ARG F 18 1.00 30.96 0.82
N GLU F 19 -0.06 30.18 1.06
CA GLU F 19 0.01 29.10 2.04
C GLU F 19 1.17 28.16 1.77
N HIS F 20 1.49 27.94 0.49
CA HIS F 20 2.56 27.03 0.14
C HIS F 20 3.93 27.65 0.36
N ALA F 21 4.08 28.94 0.06
CA ALA F 21 5.35 29.61 0.28
C ALA F 21 5.63 29.84 1.76
N LEU F 22 4.60 29.82 2.61
CA LEU F 22 4.86 29.96 4.04
C LEU F 22 5.52 28.73 4.65
N THR F 23 5.66 27.63 3.90
CA THR F 23 6.46 26.51 4.36
C THR F 23 7.87 26.95 4.75
N SER F 24 8.46 27.86 3.98
CA SER F 24 9.77 28.41 4.29
C SER F 24 9.65 29.43 5.43
N GLY F 25 10.34 29.16 6.54
CA GLY F 25 10.32 30.10 7.65
C GLY F 25 10.85 31.47 7.30
N THR F 26 11.90 31.52 6.48
CA THR F 26 12.52 32.80 6.14
C THR F 26 11.63 33.61 5.20
N ILE F 27 10.86 32.92 4.33
CA ILE F 27 9.91 33.62 3.48
C ILE F 27 8.79 34.22 4.32
N LYS F 28 8.20 33.42 5.20
CA LYS F 28 7.19 33.94 6.10
C LYS F 28 7.74 35.05 6.98
N ALA F 29 9.06 35.03 7.24
CA ALA F 29 9.67 36.14 7.97
C ALA F 29 9.74 37.39 7.10
N MET F 30 9.94 37.23 5.80
CA MET F 30 9.98 38.37 4.90
C MET F 30 8.59 38.84 4.47
N LEU F 31 7.52 38.37 5.10
CA LEU F 31 6.18 38.82 4.71
C LEU F 31 5.32 39.18 5.93
N ASN F 43 3.72 41.25 -1.46
CA ASN F 43 3.53 39.87 -1.93
C ASN F 43 4.58 39.51 -2.97
N GLU F 44 5.78 40.08 -2.84
CA GLU F 44 6.85 39.84 -3.79
C GLU F 44 8.19 39.79 -3.05
N VAL F 45 8.93 38.71 -3.28
CA VAL F 45 10.23 38.49 -2.65
C VAL F 45 11.25 38.17 -3.73
N ASN F 46 12.39 38.84 -3.68
CA ASN F 46 13.47 38.62 -4.63
C ASN F 46 14.60 37.88 -3.94
N PHE F 47 15.16 36.88 -4.63
CA PHE F 47 16.34 36.17 -4.17
C PHE F 47 17.42 36.39 -5.23
N ARG F 48 18.48 37.09 -4.87
CA ARG F 48 19.56 37.40 -5.81
C ARG F 48 20.69 36.39 -5.73
N GLU F 49 20.52 35.32 -4.95
CA GLU F 49 21.55 34.31 -4.78
C GLU F 49 21.09 32.91 -5.18
N ILE F 50 19.84 32.74 -5.63
CA ILE F 50 19.26 31.45 -5.90
C ILE F 50 18.86 31.41 -7.38
N PRO F 51 19.46 30.55 -8.19
CA PRO F 51 19.10 30.50 -9.61
C PRO F 51 17.72 29.87 -9.82
N SER F 52 17.27 29.95 -11.08
CA SER F 52 15.92 29.46 -11.41
C SER F 52 15.80 27.95 -11.25
N HIS F 53 16.83 27.20 -11.64
CA HIS F 53 16.74 25.75 -11.53
C HIS F 53 16.69 25.28 -10.10
N VAL F 54 17.04 26.13 -9.14
CA VAL F 54 16.95 25.81 -7.72
C VAL F 54 15.64 26.31 -7.12
N LEU F 55 15.23 27.54 -7.48
CA LEU F 55 13.99 28.09 -6.95
C LEU F 55 12.77 27.32 -7.47
N SER F 56 12.83 26.81 -8.70
CA SER F 56 11.74 25.99 -9.22
C SER F 56 11.60 24.71 -8.42
N LYS F 57 12.72 24.05 -8.13
CA LYS F 57 12.69 22.85 -7.29
C LYS F 57 12.15 23.16 -5.90
N VAL F 58 12.54 24.32 -5.34
CA VAL F 58 12.03 24.71 -4.03
C VAL F 58 10.51 24.88 -4.07
N CYS F 59 9.99 25.48 -5.14
CA CYS F 59 8.55 25.65 -5.25
C CYS F 59 7.84 24.29 -5.37
N MET F 60 8.44 23.38 -6.14
CA MET F 60 7.92 22.02 -6.22
C MET F 60 7.88 21.37 -4.84
N TYR F 61 8.91 21.63 -4.02
CA TYR F 61 8.92 21.09 -2.67
C TYR F 61 7.78 21.71 -1.84
N PHE F 62 7.51 22.99 -2.04
CA PHE F 62 6.39 23.61 -1.33
C PHE F 62 5.09 22.87 -1.63
N THR F 63 4.81 22.64 -2.92
CA THR F 63 3.59 21.95 -3.29
C THR F 63 3.58 20.52 -2.76
N TYR F 64 4.73 19.85 -2.80
CA TYR F 64 4.82 18.46 -2.34
C TYR F 64 4.54 18.36 -0.84
N LYS F 65 5.15 19.26 -0.05
CA LYS F 65 4.92 19.30 1.39
C LYS F 65 3.45 19.55 1.70
N VAL F 66 2.85 20.54 1.04
CA VAL F 66 1.46 20.86 1.35
C VAL F 66 0.56 19.69 0.97
N ARG F 67 0.89 18.98 -0.10
CA ARG F 67 0.05 17.86 -0.54
C ARG F 67 0.14 16.68 0.41
N TYR F 68 1.35 16.32 0.87
CA TYR F 68 1.52 15.04 1.53
C TYR F 68 1.70 15.10 3.05
N THR F 69 1.80 16.28 3.65
CA THR F 69 1.83 16.35 5.11
C THR F 69 0.48 15.93 5.68
N ASN F 70 0.52 15.07 6.70
CA ASN F 70 -0.69 14.47 7.28
C ASN F 70 -1.45 13.67 6.24
N SER F 71 -0.73 12.99 5.36
CA SER F 71 -1.33 11.99 4.50
C SER F 71 -1.55 10.70 5.27
N SER F 72 -2.59 9.97 4.87
CA SER F 72 -2.92 8.71 5.53
C SER F 72 -2.33 7.50 4.80
N THR F 73 -2.03 7.64 3.50
CA THR F 73 -1.53 6.56 2.67
C THR F 73 -0.06 6.82 2.32
N GLU F 74 0.42 6.15 1.28
CA GLU F 74 1.83 6.23 0.91
C GLU F 74 2.19 7.63 0.43
N ILE F 75 3.46 7.98 0.63
CA ILE F 75 4.02 9.26 0.19
C ILE F 75 5.13 8.96 -0.79
N PRO F 76 5.15 9.58 -1.97
CA PRO F 76 6.28 9.38 -2.90
C PRO F 76 7.53 10.13 -2.44
N GLU F 77 8.68 9.63 -2.90
CA GLU F 77 9.95 10.27 -2.60
C GLU F 77 10.07 11.59 -3.36
N PHE F 78 10.76 12.55 -2.73
CA PHE F 78 11.02 13.82 -3.39
C PHE F 78 12.27 13.70 -4.24
N PRO F 79 12.17 13.80 -5.57
CA PRO F 79 13.34 13.58 -6.42
C PRO F 79 14.28 14.77 -6.43
N ILE F 80 15.57 14.47 -6.33
CA ILE F 80 16.60 15.51 -6.37
C ILE F 80 17.73 14.96 -7.23
N ALA F 81 17.96 15.57 -8.39
CA ALA F 81 19.04 15.14 -9.24
C ALA F 81 20.38 15.56 -8.62
N PRO F 82 21.41 14.71 -8.72
CA PRO F 82 22.70 15.07 -8.11
C PRO F 82 23.23 16.42 -8.54
N GLU F 83 22.99 16.82 -9.79
CA GLU F 83 23.62 18.01 -10.34
C GLU F 83 23.20 19.26 -9.58
N ILE F 84 21.99 19.27 -9.01
CA ILE F 84 21.52 20.41 -8.24
C ILE F 84 21.64 20.21 -6.73
N ALA F 85 21.97 18.99 -6.28
CA ALA F 85 21.91 18.66 -4.86
C ALA F 85 22.48 19.75 -3.97
N LEU F 86 23.78 20.06 -4.15
CA LEU F 86 24.44 21.04 -3.30
C LEU F 86 23.66 22.34 -3.28
N GLU F 87 23.35 22.87 -4.47
CA GLU F 87 22.69 24.15 -4.52
C GLU F 87 21.36 24.10 -3.78
N LEU F 88 20.59 23.03 -4.00
CA LEU F 88 19.32 22.92 -3.30
C LEU F 88 19.53 22.90 -1.80
N LEU F 89 20.55 22.16 -1.34
CA LEU F 89 20.87 22.15 0.08
C LEU F 89 21.14 23.55 0.56
N MET F 90 21.99 24.28 -0.18
CA MET F 90 22.30 25.65 0.22
C MET F 90 21.03 26.48 0.26
N ALA F 91 20.15 26.30 -0.72
CA ALA F 91 18.87 27.01 -0.70
C ALA F 91 18.05 26.60 0.52
N ALA F 92 17.96 25.29 0.76
CA ALA F 92 17.12 24.80 1.85
C ALA F 92 17.59 25.35 3.19
N ASN F 93 18.89 25.23 3.48
CA ASN F 93 19.44 25.79 4.69
C ASN F 93 19.12 27.27 4.80
N PHE F 94 19.21 28.00 3.68
CA PHE F 94 18.93 29.42 3.72
C PHE F 94 17.44 29.70 3.85
N LEU F 95 16.59 28.83 3.31
CA LEU F 95 15.15 29.08 3.31
C LEU F 95 14.43 28.53 4.53
N ASP F 96 15.09 27.69 5.33
CA ASP F 96 14.49 27.09 6.52
C ASP F 96 13.22 26.32 6.15
N CYS F 97 13.42 25.26 5.39
CA CYS F 97 12.32 24.43 4.91
C CYS F 97 12.79 23.02 4.57
N ARG G 9 10.27 0.78 33.90
CA ARG G 9 11.66 0.99 33.51
C ARG G 9 11.62 2.04 32.33
N PRO G 10 12.32 1.91 31.19
CA PRO G 10 12.18 2.97 30.17
C PRO G 10 10.74 3.12 29.71
N VAL G 11 10.36 4.38 29.46
CA VAL G 11 8.98 4.65 29.06
C VAL G 11 8.67 3.99 27.71
N LEU G 12 9.64 4.00 26.80
CA LEU G 12 9.49 3.42 25.47
C LEU G 12 10.10 2.03 25.46
N ARG G 13 9.30 1.04 25.85
CA ARG G 13 9.71 -0.35 25.83
C ARG G 13 8.52 -1.21 25.41
N SER G 14 8.80 -2.44 25.01
CA SER G 14 7.73 -3.37 24.70
C SER G 14 7.32 -4.13 25.95
N VAL G 15 6.07 -4.58 25.95
CA VAL G 15 5.50 -5.28 27.08
C VAL G 15 5.73 -6.78 26.90
N ASN G 16 6.19 -7.44 27.96
CA ASN G 16 6.33 -8.90 27.94
C ASN G 16 4.95 -9.52 28.20
N SER G 17 4.10 -9.43 27.18
CA SER G 17 2.72 -9.87 27.29
C SER G 17 2.56 -11.35 27.04
N ARG G 18 3.46 -11.95 26.26
CA ARG G 18 3.45 -13.38 26.00
C ARG G 18 2.16 -13.84 25.34
N GLU G 19 1.54 -12.96 24.55
CA GLU G 19 0.33 -13.27 23.80
C GLU G 19 0.56 -13.01 22.32
N PRO G 20 0.46 -14.03 21.47
CA PRO G 20 0.82 -13.85 20.06
C PRO G 20 -0.10 -12.86 19.36
N SER G 21 0.50 -12.07 18.47
CA SER G 21 -0.23 -11.19 17.56
C SER G 21 0.44 -11.30 16.19
N GLN G 22 -0.30 -11.79 15.20
CA GLN G 22 0.23 -11.91 13.86
C GLN G 22 0.03 -10.59 13.12
N VAL G 23 1.12 -10.06 12.57
CA VAL G 23 1.14 -8.72 11.99
C VAL G 23 1.66 -8.82 10.56
N ILE G 24 1.26 -7.85 9.73
CA ILE G 24 1.75 -7.73 8.37
C ILE G 24 2.61 -6.48 8.28
N PHE G 25 3.88 -6.66 7.95
CA PHE G 25 4.79 -5.55 7.65
C PHE G 25 4.73 -5.29 6.15
N CYS G 26 4.21 -4.13 5.76
CA CYS G 26 4.13 -3.74 4.36
C CYS G 26 5.07 -2.58 4.12
N ASN G 27 6.06 -2.80 3.26
CA ASN G 27 7.03 -1.76 2.90
C ASN G 27 6.48 -1.00 1.71
N ARG G 28 5.73 0.07 1.99
CA ARG G 28 5.21 0.96 0.96
C ARG G 28 6.10 2.19 0.81
N SER G 29 7.41 2.00 0.91
CA SER G 29 8.41 3.02 0.69
C SER G 29 9.37 2.55 -0.40
N PRO G 30 10.08 3.48 -1.05
CA PRO G 30 11.13 3.07 -1.99
C PRO G 30 12.38 2.54 -1.32
N ARG G 31 12.52 2.70 0.00
CA ARG G 31 13.74 2.33 0.71
C ARG G 31 13.69 0.87 1.15
N VAL G 32 14.87 0.35 1.48
CA VAL G 32 14.98 -0.95 2.13
C VAL G 32 14.78 -0.74 3.62
N VAL G 33 13.76 -1.36 4.19
CA VAL G 33 13.26 -1.04 5.52
C VAL G 33 13.89 -1.98 6.54
N LEU G 34 14.43 -1.40 7.60
CA LEU G 34 14.90 -2.13 8.77
C LEU G 34 13.84 -2.05 9.84
N PRO G 35 13.17 -3.15 10.19
CA PRO G 35 12.30 -3.16 11.37
C PRO G 35 13.14 -3.23 12.63
N VAL G 36 12.79 -2.40 13.61
CA VAL G 36 13.51 -2.29 14.86
C VAL G 36 12.52 -2.56 15.98
N TRP G 37 12.81 -3.56 16.80
CA TRP G 37 11.94 -3.94 17.91
C TRP G 37 12.53 -3.43 19.22
N LEU G 38 11.73 -2.75 20.03
CA LEU G 38 12.18 -2.29 21.33
C LEU G 38 11.99 -3.44 22.32
N ASN G 39 13.09 -3.96 22.86
CA ASN G 39 12.96 -5.09 23.77
C ASN G 39 12.45 -4.62 25.13
N PHE G 40 12.28 -5.58 26.04
CA PHE G 40 11.68 -5.28 27.34
C PHE G 40 12.57 -4.38 28.18
N ASP G 41 13.85 -4.27 27.84
CA ASP G 41 14.75 -3.33 28.46
C ASP G 41 14.81 -2.01 27.69
N GLY G 42 13.96 -1.84 26.69
CA GLY G 42 13.89 -0.61 25.93
C GLY G 42 14.96 -0.44 24.87
N GLU G 43 15.68 -1.50 24.53
CA GLU G 43 16.79 -1.35 23.61
C GLU G 43 16.40 -1.76 22.19
N PRO G 44 16.80 -0.96 21.20
CA PRO G 44 16.46 -1.29 19.80
C PRO G 44 17.19 -2.53 19.32
N GLN G 45 16.44 -3.43 18.68
CA GLN G 45 16.95 -4.69 18.15
C GLN G 45 16.64 -4.75 16.65
N PRO G 46 17.66 -4.80 15.79
CA PRO G 46 17.38 -4.88 14.34
C PRO G 46 16.84 -6.23 13.93
N TYR G 47 15.92 -6.21 12.97
CA TYR G 47 15.29 -7.41 12.42
C TYR G 47 15.55 -7.49 10.92
N PRO G 48 15.25 -8.62 10.26
CA PRO G 48 15.53 -8.73 8.82
C PRO G 48 14.84 -7.64 8.02
N THR G 49 15.51 -7.18 6.98
CA THR G 49 15.05 -6.04 6.21
C THR G 49 14.03 -6.46 5.15
N LEU G 50 13.21 -5.49 4.74
CA LEU G 50 12.18 -5.69 3.74
C LEU G 50 12.52 -4.92 2.47
N PRO G 51 12.57 -5.58 1.32
CA PRO G 51 12.77 -4.84 0.07
C PRO G 51 11.59 -3.92 -0.20
N PRO G 52 11.81 -2.86 -0.96
CA PRO G 52 10.68 -1.94 -1.25
C PRO G 52 9.56 -2.67 -1.97
N GLY G 53 8.34 -2.39 -1.54
CA GLY G 53 7.16 -3.02 -2.12
C GLY G 53 6.87 -4.41 -1.60
N THR G 54 7.58 -4.87 -0.57
CA THR G 54 7.42 -6.21 -0.04
C THR G 54 6.46 -6.21 1.15
N GLY G 55 5.58 -7.20 1.20
CA GLY G 55 4.75 -7.47 2.36
C GLY G 55 5.12 -8.82 2.95
N ARG G 56 5.30 -8.85 4.27
CA ARG G 56 5.69 -10.05 4.98
C ARG G 56 4.83 -10.23 6.22
N ARG G 57 4.36 -11.45 6.47
CA ARG G 57 3.63 -11.75 7.70
C ARG G 57 4.63 -12.16 8.78
N ILE G 58 4.77 -11.31 9.78
CA ILE G 58 5.65 -11.60 10.90
C ILE G 58 4.77 -11.90 12.10
N HIS G 59 5.38 -12.55 13.09
CA HIS G 59 4.70 -12.96 14.30
CA HIS G 59 4.70 -12.97 14.31
C HIS G 59 5.30 -12.19 15.48
N SER G 60 4.52 -11.27 16.05
CA SER G 60 4.95 -10.48 17.18
C SER G 60 4.07 -10.83 18.38
N TYR G 61 4.09 -9.98 19.40
CA TYR G 61 3.25 -10.18 20.57
C TYR G 61 2.57 -8.88 20.95
N ARG G 62 1.42 -9.01 21.61
CA ARG G 62 0.66 -7.83 22.02
C ARG G 62 1.53 -6.94 22.91
N GLY G 63 1.40 -5.63 22.73
CA GLY G 63 2.16 -4.68 23.52
C GLY G 63 3.61 -4.52 23.11
N HIS G 64 4.03 -5.16 22.02
CA HIS G 64 5.42 -5.05 21.57
C HIS G 64 5.60 -3.78 20.74
N LEU G 65 6.73 -3.11 20.95
CA LEU G 65 7.00 -1.83 20.31
C LEU G 65 7.88 -2.02 19.07
N TRP G 66 7.46 -1.42 17.97
CA TRP G 66 8.18 -1.48 16.70
C TRP G 66 8.35 -0.08 16.14
N LEU G 67 9.47 0.14 15.48
CA LEU G 67 9.68 1.34 14.69
C LEU G 67 10.47 0.92 13.45
N PHE G 68 10.44 1.75 12.41
CA PHE G 68 10.97 1.34 11.13
C PHE G 68 11.89 2.41 10.57
N ARG G 69 13.02 1.98 10.00
CA ARG G 69 14.07 2.89 9.57
C ARG G 69 14.58 2.49 8.18
N ASP G 70 15.32 3.39 7.55
CA ASP G 70 16.03 3.02 6.33
C ASP G 70 17.20 2.12 6.70
N ALA G 71 17.28 0.95 6.06
CA ALA G 71 18.31 -0.02 6.44
C ALA G 71 19.71 0.54 6.25
N GLY G 72 19.92 1.32 5.19
CA GLY G 72 21.24 1.81 4.86
C GLY G 72 21.65 3.09 5.57
N THR G 73 20.71 4.01 5.74
CA THR G 73 21.01 5.33 6.28
C THR G 73 20.38 5.63 7.63
N HIS G 74 19.51 4.75 8.14
CA HIS G 74 18.76 4.98 9.38
C HIS G 74 17.85 6.19 9.30
N ASP G 75 17.53 6.65 8.09
CA ASP G 75 16.53 7.70 7.92
C ASP G 75 15.21 7.26 8.55
N GLY G 76 14.48 8.23 9.09
CA GLY G 76 13.23 7.91 9.77
C GLY G 76 12.13 7.54 8.79
N LEU G 77 11.28 6.61 9.21
CA LEU G 77 10.14 6.19 8.43
C LEU G 77 8.91 6.18 9.32
N LEU G 78 7.73 6.14 8.70
CA LEU G 78 6.47 6.16 9.41
C LEU G 78 5.78 4.82 9.26
N VAL G 79 4.96 4.46 10.24
CA VAL G 79 4.15 3.24 10.20
C VAL G 79 2.75 3.61 10.66
N ASN G 80 1.76 3.38 9.80
CA ASN G 80 0.39 3.81 10.06
C ASN G 80 0.34 5.29 10.43
N GLN G 81 1.04 6.10 9.62
CA GLN G 81 1.11 7.56 9.72
C GLN G 81 1.62 8.04 11.07
N THR G 82 2.37 7.22 11.80
CA THR G 82 2.94 7.63 13.08
C THR G 82 4.32 7.00 13.25
N GLU G 83 4.97 7.33 14.36
CA GLU G 83 6.36 6.93 14.58
C GLU G 83 6.46 5.50 15.09
N LEU G 84 5.65 5.16 16.09
CA LEU G 84 5.70 3.85 16.72
C LEU G 84 4.51 3.00 16.30
N PHE G 85 4.68 1.70 16.44
CA PHE G 85 3.63 0.73 16.12
C PHE G 85 3.58 -0.30 17.24
N VAL G 86 2.37 -0.59 17.71
CA VAL G 86 2.14 -1.60 18.73
C VAL G 86 1.01 -2.50 18.24
N PRO G 87 1.23 -3.79 18.06
CA PRO G 87 0.12 -4.68 17.69
C PRO G 87 -0.94 -4.69 18.79
N SER G 88 -2.19 -4.76 18.37
CA SER G 88 -3.28 -4.82 19.32
C SER G 88 -3.50 -6.27 19.74
N LEU G 89 -4.60 -6.86 19.29
CA LEU G 89 -4.83 -8.29 19.42
C LEU G 89 -5.67 -8.73 18.23
N ASN G 90 -5.33 -9.87 17.65
CA ASN G 90 -5.98 -10.34 16.44
C ASN G 90 -7.45 -10.66 16.72
N VAL G 91 -8.35 -9.90 16.09
CA VAL G 91 -9.77 -10.18 16.14
C VAL G 91 -10.09 -11.27 15.11
N ASP G 92 -10.69 -12.37 15.58
CA ASP G 92 -11.14 -13.46 14.69
C ASP G 92 -9.99 -14.00 13.83
N GLY G 93 -8.76 -13.88 14.32
CA GLY G 93 -7.62 -14.45 13.64
C GLY G 93 -7.15 -13.69 12.42
N GLN G 94 -7.70 -12.46 12.15
CA GLN G 94 -7.14 -11.73 11.03
C GLN G 94 -5.94 -10.89 11.48
N PRO G 95 -4.98 -10.62 10.60
CA PRO G 95 -3.75 -9.96 11.02
C PRO G 95 -3.88 -8.45 11.11
N ILE G 96 -3.11 -7.89 12.06
CA ILE G 96 -2.97 -6.44 12.16
C ILE G 96 -2.04 -5.97 11.05
N PHE G 97 -2.35 -4.82 10.47
CA PHE G 97 -1.60 -4.29 9.33
C PHE G 97 -0.74 -3.11 9.75
N ALA G 98 0.55 -3.17 9.39
CA ALA G 98 1.52 -2.10 9.65
C ALA G 98 2.01 -1.57 8.32
N ASN G 99 1.47 -0.42 7.90
CA ASN G 99 1.81 0.18 6.61
C ASN G 99 2.98 1.14 6.79
N ILE G 100 4.13 0.78 6.22
CA ILE G 100 5.38 1.54 6.37
C ILE G 100 5.55 2.46 5.17
N THR G 101 5.73 3.75 5.43
CA THR G 101 5.82 4.76 4.39
C THR G 101 6.92 5.75 4.73
N LEU G 102 7.22 6.62 3.75
CA LEU G 102 8.09 7.76 3.97
C LEU G 102 7.36 8.86 4.73
N PRO G 103 8.07 9.66 5.51
CA PRO G 103 7.50 10.90 6.03
C PRO G 103 7.86 12.05 5.10
N VAL G 104 7.25 13.20 5.37
CA VAL G 104 7.59 14.40 4.62
C VAL G 104 8.81 15.04 5.27
N TYR G 105 9.99 14.62 4.82
CA TYR G 105 11.23 15.22 5.31
C TYR G 105 11.26 16.70 4.97
N THR G 106 12.00 17.46 5.77
CA THR G 106 12.29 18.84 5.40
C THR G 106 13.22 18.85 4.19
N LEU G 107 13.07 19.89 3.36
CA LEU G 107 13.90 20.00 2.16
C LEU G 107 15.38 19.93 2.52
N LYS G 108 15.77 20.57 3.62
CA LYS G 108 17.15 20.49 4.09
C LYS G 108 17.54 19.05 4.38
N GLU G 109 16.69 18.31 5.09
CA GLU G 109 17.02 16.94 5.45
C GLU G 109 17.07 16.04 4.21
N ARG G 110 16.18 16.26 3.24
CA ARG G 110 16.22 15.46 2.01
C ARG G 110 17.49 15.74 1.22
N CYS G 111 17.87 17.01 1.10
CA CYS G 111 19.12 17.35 0.42
C CYS G 111 20.31 16.74 1.14
N LEU G 112 20.30 16.79 2.47
CA LEU G 112 21.35 16.16 3.25
C LEU G 112 21.40 14.66 2.98
N GLN G 113 20.23 14.03 2.85
CA GLN G 113 20.16 12.62 2.50
C GLN G 113 20.86 12.34 1.18
N VAL G 114 20.49 13.10 0.15
CA VAL G 114 21.03 12.83 -1.18
C VAL G 114 22.54 13.09 -1.22
N VAL G 115 22.98 14.19 -0.59
CA VAL G 115 24.40 14.49 -0.59
C VAL G 115 25.18 13.46 0.22
N ARG G 116 24.59 12.94 1.29
CA ARG G 116 25.23 11.85 2.03
C ARG G 116 25.32 10.59 1.18
N SER G 117 24.35 10.39 0.28
CA SER G 117 24.39 9.21 -0.56
C SER G 117 25.39 9.34 -1.69
N LEU G 118 25.77 10.56 -2.08
CA LEU G 118 26.71 10.72 -3.18
C LEU G 118 28.16 10.82 -2.72
N VAL G 119 28.47 11.80 -1.86
CA VAL G 119 29.84 11.98 -1.39
C VAL G 119 30.12 11.06 -0.21
N LYS G 120 31.42 10.85 0.07
CA LYS G 120 31.88 10.11 1.23
C LYS G 120 32.14 11.05 2.40
N PRO G 121 31.99 10.56 3.63
CA PRO G 121 32.21 11.44 4.81
C PRO G 121 33.57 12.10 4.81
N GLU G 122 34.60 11.39 4.34
CA GLU G 122 35.93 11.98 4.24
C GLU G 122 35.95 13.20 3.34
N ASN G 123 35.08 13.26 2.34
CA ASN G 123 35.10 14.33 1.35
C ASN G 123 33.99 15.35 1.56
N TYR G 124 33.32 15.33 2.73
CA TYR G 124 32.27 16.29 3.00
C TYR G 124 32.81 17.72 2.89
N ARG G 125 34.01 17.94 3.45
CA ARG G 125 34.60 19.27 3.51
C ARG G 125 35.23 19.70 2.19
N ARG G 126 35.24 18.80 1.21
CA ARG G 126 35.79 19.15 -0.12
C ARG G 126 34.65 19.64 -1.01
N LEU G 127 33.56 20.10 -0.40
CA LEU G 127 32.37 20.57 -1.17
C LEU G 127 32.19 22.06 -0.89
N ASP G 128 31.95 22.86 -1.92
CA ASP G 128 31.85 24.33 -1.72
C ASP G 128 30.51 24.66 -1.07
N ILE G 129 30.41 24.48 0.25
CA ILE G 129 29.15 24.83 0.97
C ILE G 129 29.50 25.47 2.32
N VAL G 130 28.54 26.14 2.94
CA VAL G 130 28.75 26.79 4.23
C VAL G 130 29.24 25.77 5.26
N ARG G 131 30.14 26.23 6.16
CA ARG G 131 30.74 25.33 7.13
C ARG G 131 29.71 24.71 8.06
N SER G 132 28.62 25.40 8.35
CA SER G 132 27.54 24.81 9.15
C SER G 132 26.99 23.55 8.47
N LEU G 133 27.01 23.52 7.16
CA LEU G 133 26.37 22.38 6.44
C LEU G 133 27.23 21.13 6.56
N TYR G 134 28.53 21.29 6.75
CA TYR G 134 29.43 20.13 6.88
C TYR G 134 29.04 19.37 8.14
N GLU G 135 28.78 20.11 9.21
CA GLU G 135 28.37 19.48 10.48
C GLU G 135 26.96 18.92 10.29
N ASP G 136 26.06 19.71 9.72
CA ASP G 136 24.74 19.19 9.42
C ASP G 136 24.80 17.89 8.61
N LEU G 137 25.78 17.77 7.71
CA LEU G 137 25.97 16.54 6.96
C LEU G 137 26.50 15.43 7.85
N GLU G 138 27.41 15.76 8.76
CA GLU G 138 28.01 14.77 9.62
C GLU G 138 27.08 14.32 10.75
N ASP G 139 25.95 15.00 10.95
CA ASP G 139 24.99 14.65 12.00
C ASP G 139 23.96 13.66 11.43
N HIS G 140 24.44 12.44 11.21
CA HIS G 140 23.64 11.42 10.55
C HIS G 140 22.50 10.96 11.47
N PRO G 141 21.43 10.41 10.90
CA PRO G 141 20.31 9.94 11.73
C PRO G 141 20.73 8.87 12.72
N ASN G 142 20.18 8.95 13.93
CA ASN G 142 20.53 8.06 15.02
C ASN G 142 19.27 7.55 15.71
N VAL G 143 19.14 6.23 15.83
CA VAL G 143 17.97 5.65 16.48
C VAL G 143 17.96 5.95 17.97
N GLN G 144 19.12 5.91 18.63
CA GLN G 144 19.18 6.13 20.07
C GLN G 144 18.70 7.53 20.43
N LYS G 145 19.17 8.54 19.68
CA LYS G 145 18.75 9.91 19.94
C LYS G 145 17.28 10.10 19.64
N ASP G 146 16.76 9.43 18.61
CA ASP G 146 15.34 9.56 18.28
C ASP G 146 14.48 8.95 19.38
N LEU G 147 14.95 7.87 20.00
CA LEU G 147 14.21 7.30 21.13
C LEU G 147 14.26 8.22 22.33
N GLU G 148 15.43 8.82 22.61
CA GLU G 148 15.51 9.79 23.69
C GLU G 148 14.56 10.97 23.46
N ARG G 149 14.53 11.47 22.23
CA ARG G 149 13.65 12.58 21.87
C ARG G 149 12.17 12.19 22.04
N LEU G 150 11.77 11.04 21.50
CA LEU G 150 10.38 10.60 21.64
C LEU G 150 9.99 10.44 23.11
N THR G 151 10.88 9.83 23.90
CA THR G 151 10.62 9.65 25.32
C THR G 151 10.43 11.00 26.02
N GLN G 152 11.33 11.94 25.75
CA GLN G 152 11.23 13.25 26.39
C GLN G 152 9.97 13.99 25.97
N GLU G 153 9.54 13.81 24.71
CA GLU G 153 8.31 14.46 24.26
C GLU G 153 7.08 13.84 24.91
N ARG G 154 7.10 12.52 25.15
CA ARG G 154 6.03 11.90 25.92
C ARG G 154 6.03 12.37 27.37
N ILE G 155 7.23 12.49 27.96
CA ILE G 155 7.36 12.98 29.33
C ILE G 155 6.84 14.41 29.46
N ALA G 156 7.02 15.23 28.41
CA ALA G 156 6.46 16.57 28.42
C ALA G 156 4.95 16.54 28.63
N HIS G 157 4.25 15.69 27.89
CA HIS G 157 2.82 15.49 28.10
C HIS G 157 2.55 14.70 29.38
N MET H 2 40.13 -29.76 4.84
CA MET H 2 38.79 -30.33 4.71
C MET H 2 37.73 -29.36 5.22
N THR H 3 36.65 -29.23 4.47
CA THR H 3 35.61 -28.27 4.81
C THR H 3 34.83 -28.71 6.03
N GLU H 4 34.53 -27.74 6.91
CA GLU H 4 33.76 -27.98 8.12
C GLU H 4 32.35 -27.45 7.93
N TYR H 5 31.38 -28.15 8.52
CA TYR H 5 29.97 -27.77 8.38
C TYR H 5 29.28 -27.74 9.74
N LYS H 6 28.67 -26.60 10.05
CA LYS H 6 27.98 -26.38 11.32
C LYS H 6 26.48 -26.61 11.13
N LEU H 7 26.01 -27.75 11.64
CA LEU H 7 24.62 -28.14 11.59
C LEU H 7 24.05 -28.04 13.00
N VAL H 8 22.83 -27.54 13.08
CA VAL H 8 22.14 -27.34 14.35
C VAL H 8 20.79 -28.04 14.25
N VAL H 9 20.52 -28.93 15.21
CA VAL H 9 19.30 -29.73 15.21
C VAL H 9 18.34 -29.12 16.22
N VAL H 10 17.21 -28.60 15.75
CA VAL H 10 16.27 -27.88 16.58
C VAL H 10 14.90 -28.53 16.48
N GLY H 11 14.10 -28.33 17.52
CA GLY H 11 12.77 -28.91 17.58
C GLY H 11 12.28 -28.98 19.01
N ALA H 12 11.03 -29.39 19.15
CA ALA H 12 10.42 -29.52 20.46
C ALA H 12 11.05 -30.66 21.24
N VAL H 13 10.82 -30.65 22.56
CA VAL H 13 11.36 -31.69 23.41
C VAL H 13 10.59 -32.99 23.16
N GLY H 14 11.31 -34.03 22.78
CA GLY H 14 10.70 -35.33 22.52
C GLY H 14 10.44 -35.66 21.06
N VAL H 15 10.96 -34.88 20.12
CA VAL H 15 10.78 -35.19 18.71
C VAL H 15 11.81 -36.19 18.20
N GLY H 16 12.98 -36.25 18.81
CA GLY H 16 14.02 -37.17 18.35
C GLY H 16 15.29 -36.53 17.85
N LYS H 17 15.56 -35.29 18.28
CA LYS H 17 16.79 -34.62 17.86
C LYS H 17 18.01 -35.41 18.31
N SER H 18 18.05 -35.77 19.60
CA SER H 18 19.17 -36.53 20.13
C SER H 18 19.27 -37.89 19.48
N ALA H 19 18.13 -38.58 19.36
CA ALA H 19 18.12 -39.91 18.74
C ALA H 19 18.64 -39.84 17.31
N LEU H 20 18.20 -38.85 16.54
CA LEU H 20 18.68 -38.70 15.17
C LEU H 20 20.18 -38.44 15.12
N THR H 21 20.67 -37.56 16.00
CA THR H 21 22.10 -37.24 16.00
C THR H 21 22.95 -38.47 16.32
N ILE H 22 22.62 -39.17 17.42
CA ILE H 22 23.39 -40.36 17.77
C ILE H 22 23.26 -41.43 16.69
N GLN H 23 22.09 -41.53 16.06
CA GLN H 23 21.92 -42.48 14.98
C GLN H 23 22.82 -42.12 13.80
N LEU H 24 23.02 -40.82 13.55
CA LEU H 24 23.92 -40.40 12.49
C LEU H 24 25.38 -40.69 12.82
N ILE H 25 25.74 -40.65 14.11
CA ILE H 25 27.14 -40.65 14.51
C ILE H 25 27.57 -41.97 15.13
N GLN H 26 26.97 -42.34 16.27
CA GLN H 26 27.32 -43.63 16.95
C GLN H 26 26.69 -44.81 16.18
N ASN H 27 25.82 -44.55 15.22
CA ASN H 27 25.28 -45.57 14.33
C ASN H 27 24.51 -46.64 15.10
N HIS H 28 23.88 -46.25 16.21
CA HIS H 28 22.98 -47.15 16.93
C HIS H 28 21.87 -46.29 17.54
N PHE H 29 20.68 -46.89 17.65
CA PHE H 29 19.55 -46.19 18.22
C PHE H 29 19.65 -46.17 19.74
N VAL H 30 19.47 -45.00 20.33
CA VAL H 30 19.60 -44.80 21.77
C VAL H 30 18.20 -44.72 22.36
N ASP H 31 17.92 -45.58 23.34
CA ASP H 31 16.56 -45.68 23.87
C ASP H 31 16.14 -44.41 24.61
N GLU H 32 17.05 -43.83 25.38
CA GLU H 32 16.72 -42.61 26.12
C GLU H 32 17.98 -41.79 26.35
N TYR H 33 17.90 -40.51 25.98
CA TYR H 33 18.96 -39.54 26.18
C TYR H 33 18.44 -38.44 27.09
N ASP H 34 19.32 -37.91 27.93
CA ASP H 34 18.90 -36.87 28.85
C ASP H 34 18.34 -35.69 28.05
N PRO H 35 17.08 -35.31 28.26
CA PRO H 35 16.51 -34.19 27.49
C PRO H 35 17.17 -32.86 27.76
N THR H 36 17.81 -32.70 28.91
CA THR H 36 18.38 -31.43 29.32
C THR H 36 19.83 -31.25 28.88
N ILE H 37 20.41 -32.27 28.25
CA ILE H 37 21.83 -32.24 27.87
C ILE H 37 21.92 -31.72 26.44
N GLU H 38 22.64 -30.63 26.26
CA GLU H 38 22.93 -30.07 24.94
C GLU H 38 24.41 -30.25 24.66
N ASP H 39 24.74 -30.85 23.51
CA ASP H 39 26.13 -31.11 23.17
C ASP H 39 26.29 -31.10 21.66
N SER H 40 27.53 -30.89 21.23
CA SER H 40 27.89 -31.00 19.82
C SER H 40 28.75 -32.23 19.62
N TYR H 41 28.72 -32.76 18.40
CA TYR H 41 29.47 -33.96 18.04
C TYR H 41 30.10 -33.74 16.67
N ARG H 42 31.28 -34.32 16.47
CA ARG H 42 31.98 -34.21 15.20
C ARG H 42 32.05 -35.56 14.51
N LYS H 43 31.92 -35.55 13.19
CA LYS H 43 32.00 -36.77 12.41
C LYS H 43 32.55 -36.47 11.03
N GLN H 44 33.57 -37.20 10.63
CA GLN H 44 34.10 -37.10 9.27
C GLN H 44 33.28 -38.01 8.36
N VAL H 45 32.66 -37.43 7.34
CA VAL H 45 31.83 -38.16 6.40
C VAL H 45 32.21 -37.72 4.99
N VAL H 46 31.67 -38.40 3.99
CA VAL H 46 31.92 -38.04 2.60
C VAL H 46 30.58 -37.81 1.92
N ILE H 47 30.42 -36.64 1.33
CA ILE H 47 29.22 -36.27 0.58
C ILE H 47 29.66 -35.88 -0.82
N ASP H 48 29.11 -36.58 -1.83
CA ASP H 48 29.42 -36.34 -3.23
C ASP H 48 30.93 -36.31 -3.47
N GLY H 49 31.65 -37.21 -2.79
CA GLY H 49 33.08 -37.30 -2.87
C GLY H 49 33.84 -36.41 -1.90
N GLU H 50 33.34 -35.21 -1.62
CA GLU H 50 34.04 -34.33 -0.69
C GLU H 50 33.96 -34.87 0.73
N THR H 51 35.11 -35.03 1.37
CA THR H 51 35.17 -35.51 2.76
C THR H 51 35.01 -34.30 3.68
N CYS H 52 33.82 -34.15 4.24
CA CYS H 52 33.51 -33.03 5.10
C CYS H 52 33.65 -33.42 6.57
N LEU H 53 33.91 -32.42 7.39
CA LEU H 53 33.93 -32.55 8.85
C LEU H 53 32.64 -31.93 9.35
N LEU H 54 31.73 -32.77 9.86
CA LEU H 54 30.45 -32.29 10.37
C LEU H 54 30.55 -31.99 11.85
N ASP H 55 30.03 -30.82 12.23
CA ASP H 55 29.83 -30.45 13.62
C ASP H 55 28.33 -30.31 13.82
N ILE H 56 27.76 -31.21 14.61
CA ILE H 56 26.32 -31.34 14.78
C ILE H 56 26.04 -30.86 16.19
N LEU H 57 25.31 -29.75 16.31
CA LEU H 57 24.85 -29.28 17.61
C LEU H 57 23.47 -29.84 17.86
N ASP H 58 23.35 -30.75 18.83
CA ASP H 58 22.07 -31.33 19.21
C ASP H 58 21.49 -30.44 20.31
N THR H 59 20.66 -29.49 19.92
CA THR H 59 20.11 -28.54 20.88
C THR H 59 19.22 -29.24 21.91
N ALA H 60 19.16 -28.66 23.10
CA ALA H 60 18.33 -29.15 24.18
C ALA H 60 18.28 -28.10 25.27
N GLY H 61 17.21 -28.14 26.06
CA GLY H 61 17.05 -27.25 27.19
C GLY H 61 15.93 -26.25 26.95
N GLN H 62 15.67 -25.46 27.99
CA GLN H 62 14.63 -24.45 27.87
C GLN H 62 15.10 -23.32 26.97
N GLU H 63 14.13 -22.60 26.40
CA GLU H 63 14.45 -21.45 25.56
C GLU H 63 15.25 -20.43 26.35
N GLU H 64 16.23 -19.82 25.67
CA GLU H 64 17.02 -18.73 26.22
C GLU H 64 17.23 -17.73 25.11
N TYR H 65 16.53 -16.60 25.18
CA TYR H 65 16.63 -15.54 24.18
C TYR H 65 17.57 -14.44 24.64
N SER H 66 18.76 -14.86 25.07
CA SER H 66 19.84 -13.98 25.46
C SER H 66 20.77 -13.73 24.27
N ALA H 67 21.69 -12.78 24.46
CA ALA H 67 22.68 -12.51 23.43
C ALA H 67 23.59 -13.71 23.19
N MET H 68 23.95 -14.44 24.25
CA MET H 68 24.86 -15.57 24.09
C MET H 68 24.21 -16.68 23.25
N ARG H 69 22.98 -17.06 23.59
CA ARG H 69 22.32 -18.11 22.83
C ARG H 69 22.05 -17.65 21.40
N ASP H 70 21.70 -16.37 21.24
CA ASP H 70 21.53 -15.82 19.90
C ASP H 70 22.79 -16.00 19.06
N GLN H 71 23.95 -15.69 19.65
CA GLN H 71 25.20 -15.77 18.85
C GLN H 71 25.61 -17.23 18.65
N TYR H 72 25.34 -18.07 19.63
CA TYR H 72 25.65 -19.50 19.50
C TYR H 72 24.88 -20.12 18.35
N MET H 73 23.57 -19.83 18.28
CA MET H 73 22.79 -20.32 17.15
C MET H 73 23.17 -19.58 15.87
N ARG H 74 23.61 -18.32 15.99
CA ARG H 74 23.99 -17.54 14.82
C ARG H 74 25.18 -18.16 14.11
N THR H 75 26.01 -18.91 14.83
CA THR H 75 27.12 -19.59 14.18
C THR H 75 26.67 -20.80 13.36
N GLY H 76 25.39 -21.17 13.42
CA GLY H 76 24.94 -22.33 12.67
C GLY H 76 24.84 -22.03 11.18
N GLU H 77 25.45 -22.90 10.37
CA GLU H 77 25.38 -22.77 8.92
C GLU H 77 24.13 -23.42 8.36
N GLY H 78 23.58 -24.42 9.03
CA GLY H 78 22.38 -25.09 8.55
C GLY H 78 21.59 -25.66 9.70
N PHE H 79 20.27 -25.72 9.52
CA PHE H 79 19.38 -26.07 10.62
C PHE H 79 18.44 -27.20 10.21
N LEU H 80 18.30 -28.16 11.12
CA LEU H 80 17.40 -29.30 10.96
C LEU H 80 16.20 -29.07 11.89
N CYS H 81 15.14 -28.51 11.33
CA CYS H 81 13.88 -28.34 12.06
C CYS H 81 13.13 -29.66 12.09
N VAL H 82 13.05 -30.28 13.26
CA VAL H 82 12.55 -31.64 13.39
C VAL H 82 11.25 -31.62 14.19
N PHE H 83 10.26 -32.40 13.74
CA PHE H 83 9.03 -32.63 14.47
C PHE H 83 8.75 -34.13 14.46
N ALA H 84 7.83 -34.55 15.31
CA ALA H 84 7.36 -35.93 15.34
C ALA H 84 6.02 -36.01 14.61
N ILE H 85 5.89 -36.98 13.71
CA ILE H 85 4.65 -37.11 12.95
C ILE H 85 3.48 -37.58 13.80
N ASN H 86 3.74 -38.05 15.03
CA ASN H 86 2.69 -38.41 15.96
C ASN H 86 2.38 -37.28 16.93
N ASN H 87 3.14 -36.19 16.88
CA ASN H 87 2.95 -35.03 17.76
C ASN H 87 2.59 -33.83 16.89
N THR H 88 1.34 -33.39 17.00
CA THR H 88 0.89 -32.24 16.22
C THR H 88 1.53 -30.95 16.71
N LYS H 89 1.70 -30.81 18.02
CA LYS H 89 2.25 -29.58 18.60
C LYS H 89 3.67 -29.32 18.09
N SER H 90 4.46 -30.37 17.88
CA SER H 90 5.80 -30.19 17.35
C SER H 90 5.76 -29.61 15.94
N PHE H 91 4.88 -30.13 15.10
CA PHE H 91 4.73 -29.61 13.75
C PHE H 91 4.24 -28.17 13.76
N GLU H 92 3.41 -27.82 14.74
CA GLU H 92 2.97 -26.44 14.87
C GLU H 92 4.11 -25.52 15.31
N ASP H 93 4.97 -26.00 16.22
CA ASP H 93 6.09 -25.19 16.73
C ASP H 93 7.20 -25.00 15.71
N ILE H 94 7.27 -25.89 14.71
CA ILE H 94 8.27 -25.80 13.65
C ILE H 94 8.39 -24.38 13.12
N HIS H 95 7.24 -23.71 12.90
CA HIS H 95 7.27 -22.37 12.33
C HIS H 95 7.96 -21.38 13.26
N HIS H 96 7.67 -21.45 14.57
CA HIS H 96 8.34 -20.59 15.53
C HIS H 96 9.84 -20.80 15.50
N TYR H 97 10.28 -22.07 15.49
CA TYR H 97 11.70 -22.33 15.41
C TYR H 97 12.30 -21.72 14.15
N ARG H 98 11.59 -21.80 13.04
CA ARG H 98 12.10 -21.30 11.77
C ARG H 98 12.23 -19.78 11.82
N GLU H 99 11.24 -19.10 12.40
CA GLU H 99 11.29 -17.65 12.52
C GLU H 99 12.44 -17.21 13.42
N GLN H 100 12.69 -17.95 14.51
CA GLN H 100 13.83 -17.62 15.37
C GLN H 100 15.15 -17.78 14.63
N ILE H 101 15.26 -18.83 13.82
CA ILE H 101 16.46 -19.01 13.00
C ILE H 101 16.64 -17.82 12.06
N LYS H 102 15.57 -17.42 11.38
CA LYS H 102 15.65 -16.29 10.46
C LYS H 102 16.02 -15.01 11.18
N ARG H 103 15.59 -14.86 12.43
CA ARG H 103 15.94 -13.65 13.19
C ARG H 103 17.43 -13.62 13.51
N VAL H 104 17.95 -14.69 14.13
CA VAL H 104 19.35 -14.63 14.55
C VAL H 104 20.29 -14.65 13.35
N LYS H 105 19.89 -15.28 12.24
CA LYS H 105 20.72 -15.26 11.05
C LYS H 105 20.52 -13.99 10.21
N ASP H 106 19.49 -13.20 10.51
CA ASP H 106 19.21 -11.94 9.81
C ASP H 106 19.06 -12.17 8.31
N SER H 107 18.21 -13.12 7.95
CA SER H 107 17.97 -13.40 6.54
C SER H 107 16.70 -14.23 6.41
N GLU H 108 16.04 -14.07 5.26
CA GLU H 108 14.87 -14.87 4.93
C GLU H 108 15.24 -16.20 4.28
N ASP H 109 16.41 -16.30 3.67
CA ASP H 109 16.90 -17.51 3.02
C ASP H 109 18.00 -18.09 3.89
N VAL H 110 17.66 -19.10 4.68
CA VAL H 110 18.60 -19.79 5.56
C VAL H 110 18.59 -21.26 5.19
N PRO H 111 19.74 -21.91 5.04
CA PRO H 111 19.75 -23.34 4.72
C PRO H 111 19.03 -24.14 5.79
N MET H 112 18.04 -24.92 5.37
CA MET H 112 17.23 -25.68 6.31
C MET H 112 16.63 -26.89 5.61
N VAL H 113 16.22 -27.86 6.42
CA VAL H 113 15.56 -29.07 5.95
C VAL H 113 14.51 -29.44 7.00
N LEU H 114 13.27 -29.64 6.56
CA LEU H 114 12.22 -30.09 7.46
C LEU H 114 12.32 -31.59 7.63
N VAL H 115 12.10 -32.06 8.85
CA VAL H 115 12.24 -33.49 9.16
C VAL H 115 10.98 -33.96 9.88
N GLY H 116 10.38 -35.02 9.36
CA GLY H 116 9.30 -35.69 10.04
C GLY H 116 9.78 -36.99 10.64
N ASN H 117 10.03 -36.99 11.95
CA ASN H 117 10.65 -38.13 12.59
C ASN H 117 9.59 -39.08 13.15
N LYS H 118 10.06 -40.23 13.65
CA LYS H 118 9.21 -41.30 14.17
C LYS H 118 8.27 -41.82 13.08
N SER H 119 8.81 -41.96 11.87
CA SER H 119 8.06 -42.43 10.72
C SER H 119 7.83 -43.93 10.70
N ASP H 120 8.22 -44.65 11.77
CA ASP H 120 7.90 -46.06 11.91
C ASP H 120 6.61 -46.29 12.69
N LEU H 121 6.22 -45.35 13.54
CA LEU H 121 5.04 -45.54 14.37
C LEU H 121 3.77 -45.52 13.52
N PRO H 122 2.80 -46.40 13.82
CA PRO H 122 1.59 -46.43 13.00
C PRO H 122 0.74 -45.18 13.13
N SER H 123 0.68 -44.58 14.31
CA SER H 123 -0.12 -43.38 14.50
C SER H 123 0.49 -42.21 13.73
N ARG H 124 -0.35 -41.52 12.96
CA ARG H 124 0.09 -40.33 12.21
C ARG H 124 -0.92 -39.21 12.47
N THR H 125 -0.47 -38.17 13.17
CA THR H 125 -1.25 -36.95 13.37
C THR H 125 -0.93 -35.86 12.37
N VAL H 126 0.21 -35.95 11.69
CA VAL H 126 0.63 -34.98 10.68
C VAL H 126 0.79 -35.71 9.36
N ASP H 127 0.06 -35.27 8.35
CA ASP H 127 0.15 -35.93 7.06
C ASP H 127 1.51 -35.68 6.43
N THR H 128 1.87 -36.52 5.46
CA THR H 128 3.08 -36.26 4.67
C THR H 128 2.83 -35.13 3.69
N LYS H 129 1.56 -34.89 3.35
CA LYS H 129 1.20 -33.85 2.40
C LYS H 129 1.19 -32.50 3.08
N GLN H 130 0.70 -32.43 4.32
CA GLN H 130 0.77 -31.19 5.07
C GLN H 130 2.22 -30.73 5.22
N ALA H 131 3.09 -31.66 5.59
CA ALA H 131 4.51 -31.34 5.75
C ALA H 131 5.14 -30.92 4.43
N GLN H 132 4.81 -31.61 3.34
CA GLN H 132 5.36 -31.24 2.05
C GLN H 132 4.85 -29.88 1.58
N ASP H 133 3.57 -29.57 1.83
CA ASP H 133 3.05 -28.24 1.55
C ASP H 133 3.82 -27.18 2.32
N LEU H 134 4.08 -27.45 3.60
CA LEU H 134 4.80 -26.46 4.41
C LEU H 134 6.22 -26.27 3.92
N ALA H 135 6.92 -27.37 3.60
CA ALA H 135 8.27 -27.27 3.08
C ALA H 135 8.31 -26.52 1.75
N ARG H 136 7.37 -26.82 0.85
CA ARG H 136 7.24 -26.05 -0.39
C ARG H 136 7.01 -24.58 -0.10
N SER H 137 6.20 -24.28 0.93
CA SER H 137 5.96 -22.90 1.30
C SER H 137 7.22 -22.22 1.83
N TYR H 138 8.13 -23.00 2.40
CA TYR H 138 9.39 -22.43 2.89
C TYR H 138 10.48 -22.42 1.82
N GLY H 139 10.41 -23.30 0.82
CA GLY H 139 11.49 -23.42 -0.13
C GLY H 139 12.62 -24.30 0.34
N ILE H 140 12.32 -25.31 1.15
CA ILE H 140 13.32 -26.21 1.70
C ILE H 140 12.87 -27.65 1.44
N PRO H 141 13.79 -28.61 1.51
CA PRO H 141 13.37 -30.01 1.38
C PRO H 141 12.67 -30.49 2.65
N PHE H 142 11.87 -31.54 2.48
CA PHE H 142 11.28 -32.25 3.61
C PHE H 142 11.65 -33.72 3.51
N ILE H 143 12.19 -34.27 4.60
CA ILE H 143 12.59 -35.67 4.68
C ILE H 143 11.91 -36.32 5.87
N GLU H 144 11.31 -37.49 5.65
CA GLU H 144 10.59 -38.25 6.67
C GLU H 144 11.49 -39.34 7.25
N THR H 145 12.20 -39.01 8.33
CA THR H 145 13.16 -39.89 8.96
C THR H 145 12.54 -40.74 10.08
N SER H 146 13.21 -41.86 10.38
CA SER H 146 12.93 -42.66 11.57
C SER H 146 14.25 -42.99 12.24
N ALA H 147 14.45 -42.47 13.46
CA ALA H 147 15.69 -42.73 14.19
C ALA H 147 15.78 -44.20 14.62
N LYS H 148 14.62 -44.83 14.85
CA LYS H 148 14.61 -46.22 15.32
C LYS H 148 15.19 -47.15 14.26
N THR H 149 14.66 -47.09 13.04
CA THR H 149 15.10 -47.90 11.91
C THR H 149 16.23 -47.29 11.11
N ARG H 150 16.62 -46.04 11.39
CA ARG H 150 17.64 -45.29 10.67
C ARG H 150 17.23 -44.98 9.23
N GLN H 151 15.93 -44.98 8.99
CA GLN H 151 15.43 -44.60 7.65
C GLN H 151 15.52 -43.10 7.52
N GLY H 152 16.19 -42.62 6.48
CA GLY H 152 16.22 -41.21 6.17
C GLY H 152 17.13 -40.35 7.02
N VAL H 153 17.88 -40.94 7.96
CA VAL H 153 18.78 -40.15 8.81
C VAL H 153 19.88 -39.52 7.98
N ASP H 154 20.62 -40.36 7.25
CA ASP H 154 21.68 -39.87 6.37
C ASP H 154 21.10 -38.93 5.33
N ASP H 155 19.92 -39.25 4.81
CA ASP H 155 19.27 -38.37 3.85
C ASP H 155 19.10 -36.97 4.43
N ALA H 156 18.57 -36.87 5.64
CA ALA H 156 18.34 -35.57 6.25
C ALA H 156 19.64 -34.79 6.41
N PHE H 157 20.62 -35.37 7.10
CA PHE H 157 21.84 -34.61 7.35
C PHE H 157 22.58 -34.27 6.06
N TYR H 158 22.68 -35.22 5.13
CA TYR H 158 23.43 -34.97 3.89
C TYR H 158 22.70 -33.95 3.01
N THR H 159 21.36 -33.98 3.00
CA THR H 159 20.62 -32.98 2.24
C THR H 159 20.80 -31.60 2.84
N LEU H 160 20.91 -31.51 4.17
CA LEU H 160 21.19 -30.20 4.77
C LEU H 160 22.58 -29.70 4.40
N VAL H 161 23.58 -30.59 4.40
CA VAL H 161 24.93 -30.19 4.00
C VAL H 161 24.94 -29.73 2.54
N ARG H 162 24.22 -30.45 1.67
CA ARG H 162 24.10 -30.03 0.28
C ARG H 162 23.44 -28.67 0.16
N GLU H 163 22.38 -28.44 0.94
CA GLU H 163 21.69 -27.16 0.91
C GLU H 163 22.61 -26.03 1.33
N ILE H 164 23.42 -26.26 2.36
CA ILE H 164 24.39 -25.24 2.79
C ILE H 164 25.37 -24.95 1.66
N ARG H 165 26.01 -26.00 1.15
CA ARG H 165 27.06 -25.81 0.16
C ARG H 165 26.49 -25.15 -1.11
N LYS H 166 25.23 -25.46 -1.47
CA LYS H 166 24.57 -24.76 -2.55
C LYS H 166 24.31 -23.29 -2.19
N HIS H 167 23.98 -23.02 -0.94
CA HIS H 167 23.75 -21.65 -0.50
C HIS H 167 25.06 -20.86 -0.48
N LYS H 168 26.15 -21.52 -0.11
CA LYS H 168 27.47 -20.89 -0.11
C LYS H 168 28.03 -20.76 -1.52
#